data_3WKS
#
_entry.id   3WKS
#
_cell.length_a   95.073
_cell.length_b   107.135
_cell.length_c   110.762
_cell.angle_alpha   90.00
_cell.angle_beta   90.00
_cell.angle_gamma   90.00
#
_symmetry.space_group_name_H-M   'P 21 21 21'
#
loop_
_entity.id
_entity.type
_entity.pdbx_description
1 polymer 'O-phospho-L-seryl-tRNA:Cys-tRNA synthase'
2 polymer 'Uncharacterized protein MJ1481'
3 water water
#
loop_
_entity_poly.entity_id
_entity_poly.type
_entity_poly.pdbx_seq_one_letter_code
_entity_poly.pdbx_strand_id
1 'polypeptide(L)'
;MGSSHHHHHHSSGLVPRGSHMELEGPYSKKFEVITLDINLDKYKNLTRSLTREFINLNPIQRGGILPKEAKKAVYEYWDG
YSVCDYCHGRLDEVTCPPIKDFLEDIAKFLNMDCARPTHGAREGKFIVMHAICKEGDYVVLDKNAHYTSYVAAERAKLNV
AEVGYEEEYPTYKINLEGYKEVIDNLEDKGKNVGLILLTHVDGEYGNLNDAKKVGKIAKEKGIPFLLNCAYTVGRMPVNG
KEVKADFIVASGH(LLP)SMAASAPCGILAFSEEFSDKITKTSEKFPVKEIEMLGCTSRGLPIVTLMASFPHVVERVKKW
DEELKKTRYVVDELEKIGFKQLGIKPKEHDLIKFETPVLDEIAKKDKRRGFFFYDELKKRGIGGIRAGVTKEIKMSVYGL
EWEQVEYVVNAIKEIVESCK
;
A,B
2 'polypeptide(L)'
;MNHMRVEYSKDLIRKGISTISQLKKAKIRVEKDDKKISYKDAKPGKIDVNEFKKAIYLLIEADDFLYKKAPKHELNEEEA
KEFCKLIIKCQEHLNKILANFGFEFE
;
C,D
#
# COMPACT_ATOMS: atom_id res chain seq x y z
N ASP A 37 0.03 8.31 -28.63
CA ASP A 37 -1.22 7.58 -28.44
C ASP A 37 -1.73 7.69 -27.00
N ILE A 38 -0.81 7.99 -26.09
CA ILE A 38 -1.15 8.13 -24.68
C ILE A 38 -0.59 9.41 -24.08
N ASN A 39 -1.48 10.27 -23.58
CA ASN A 39 -1.06 11.51 -22.95
C ASN A 39 -0.55 11.28 -21.52
N LEU A 40 0.72 11.56 -21.30
CA LEU A 40 1.36 11.29 -20.01
C LEU A 40 1.46 12.53 -19.14
N ASP A 41 0.95 13.66 -19.63
CA ASP A 41 1.03 14.91 -18.89
C ASP A 41 0.14 14.92 -17.65
N LYS A 42 -0.88 14.06 -17.66
CA LYS A 42 -1.81 13.98 -16.54
C LYS A 42 -1.19 13.27 -15.34
N TYR A 43 0.02 12.74 -15.51
CA TYR A 43 0.73 12.08 -14.43
C TYR A 43 1.99 12.84 -14.03
N LYS A 44 2.29 13.90 -14.77
CA LYS A 44 3.49 14.70 -14.53
C LYS A 44 3.32 15.63 -13.33
N ASN A 45 2.40 16.58 -13.46
CA ASN A 45 2.10 17.52 -12.37
C ASN A 45 1.24 16.89 -11.28
N LEU A 46 1.25 15.56 -11.25
CA LEU A 46 0.51 14.79 -10.26
C LEU A 46 0.86 15.21 -8.84
N THR A 47 2.12 15.58 -8.64
CA THR A 47 2.60 16.01 -7.33
C THR A 47 1.89 17.28 -6.87
N ARG A 48 0.64 17.14 -6.45
CA ARG A 48 -0.15 18.28 -5.98
C ARG A 48 -1.31 17.82 -5.11
N SER A 49 -1.46 18.46 -3.95
CA SER A 49 -2.56 18.17 -3.05
C SER A 49 -2.71 19.28 -2.01
N LEU A 50 -3.88 19.36 -1.40
CA LEU A 50 -4.15 20.38 -0.37
C LEU A 50 -4.01 19.80 1.03
N THR A 51 -3.25 18.70 1.14
CA THR A 51 -3.09 18.00 2.41
C THR A 51 -2.49 18.85 3.52
N ARG A 52 -1.55 19.71 3.16
CA ARG A 52 -0.87 20.57 4.13
C ARG A 52 -1.54 21.94 4.24
N GLU A 53 -2.23 22.33 3.18
CA GLU A 53 -2.80 23.67 3.10
C GLU A 53 -4.24 23.76 3.61
N PHE A 54 -4.85 22.61 3.83
CA PHE A 54 -6.25 22.56 4.25
C PHE A 54 -6.49 21.68 5.47
N ILE A 55 -7.57 21.94 6.19
CA ILE A 55 -8.00 21.09 7.29
C ILE A 55 -9.00 20.07 6.77
N ASN A 56 -8.64 18.79 6.86
CA ASN A 56 -9.49 17.73 6.36
C ASN A 56 -10.50 17.24 7.39
N LEU A 57 -11.78 17.37 7.07
CA LEU A 57 -12.86 17.01 8.00
C LEU A 57 -13.48 15.64 7.67
N ASN A 58 -13.02 15.03 6.58
CA ASN A 58 -13.53 13.72 6.17
C ASN A 58 -13.23 12.65 7.24
N PRO A 59 -14.30 12.08 7.82
CA PRO A 59 -14.22 11.10 8.91
C PRO A 59 -13.39 9.86 8.54
N ILE A 60 -13.40 9.48 7.27
CA ILE A 60 -12.70 8.28 6.84
C ILE A 60 -11.19 8.47 6.76
N GLN A 61 -10.72 9.65 7.11
CA GLN A 61 -9.29 9.97 7.00
C GLN A 61 -8.66 10.49 8.29
N ARG A 62 -9.51 10.85 9.25
CA ARG A 62 -9.01 11.41 10.50
C ARG A 62 -8.10 10.44 11.27
N GLY A 63 -8.46 9.17 11.27
CA GLY A 63 -7.71 8.17 12.01
C GLY A 63 -6.56 7.55 11.23
N GLY A 64 -6.43 7.93 9.97
CA GLY A 64 -5.42 7.35 9.11
C GLY A 64 -4.27 8.29 8.76
N ILE A 65 -4.15 9.39 9.50
CA ILE A 65 -3.10 10.36 9.26
C ILE A 65 -1.77 9.91 9.88
N LEU A 66 -0.73 9.86 9.06
CA LEU A 66 0.57 9.37 9.49
C LEU A 66 1.30 10.35 10.43
N PRO A 67 1.78 9.83 11.57
CA PRO A 67 2.68 10.59 12.45
C PRO A 67 4.06 10.70 11.81
N LYS A 68 4.90 11.59 12.32
CA LYS A 68 6.21 11.84 11.72
C LYS A 68 7.11 10.61 11.68
N GLU A 69 6.98 9.75 12.69
CA GLU A 69 7.74 8.50 12.75
C GLU A 69 7.39 7.64 11.54
N ALA A 70 6.08 7.54 11.26
CA ALA A 70 5.59 6.79 10.13
C ALA A 70 6.12 7.37 8.82
N LYS A 71 6.21 8.69 8.75
CA LYS A 71 6.71 9.37 7.56
C LYS A 71 8.19 9.05 7.34
N LYS A 72 8.96 9.03 8.42
CA LYS A 72 10.37 8.65 8.35
C LYS A 72 10.51 7.21 7.88
N ALA A 73 9.65 6.34 8.40
CA ALA A 73 9.63 4.94 7.99
C ALA A 73 9.33 4.81 6.50
N VAL A 74 8.42 5.67 6.02
CA VAL A 74 8.07 5.72 4.60
C VAL A 74 9.27 6.11 3.77
N TYR A 75 9.96 7.16 4.21
CA TYR A 75 11.17 7.61 3.54
C TYR A 75 12.19 6.47 3.48
N GLU A 76 12.23 5.65 4.53
CA GLU A 76 13.17 4.54 4.59
C GLU A 76 12.80 3.36 3.68
N TYR A 77 11.52 3.02 3.61
CA TYR A 77 11.11 1.78 2.95
C TYR A 77 10.15 1.94 1.77
N TRP A 78 10.24 3.03 1.03
CA TRP A 78 9.28 3.25 -0.07
C TRP A 78 9.59 2.46 -1.34
N ASP A 79 10.45 1.44 -1.22
CA ASP A 79 10.68 0.50 -2.30
C ASP A 79 11.25 -0.82 -1.77
N GLY A 80 11.83 -0.77 -0.58
CA GLY A 80 12.38 -1.95 0.05
C GLY A 80 11.34 -2.74 0.83
N PRO A 97 11.95 -5.36 9.72
CA PRO A 97 10.58 -5.21 10.22
C PRO A 97 10.10 -6.45 10.99
N PRO A 98 10.00 -6.33 12.32
CA PRO A 98 9.58 -7.44 13.19
C PRO A 98 8.10 -7.74 13.02
N ILE A 99 7.74 -8.43 11.94
CA ILE A 99 6.35 -8.67 11.60
C ILE A 99 5.67 -9.69 12.52
N LYS A 100 6.36 -10.77 12.86
CA LYS A 100 5.78 -11.81 13.70
C LYS A 100 5.50 -11.27 15.10
N ASP A 101 6.50 -10.59 15.66
CA ASP A 101 6.37 -9.95 16.96
C ASP A 101 5.27 -8.90 16.93
N PHE A 102 5.11 -8.24 15.79
CA PHE A 102 4.05 -7.24 15.64
C PHE A 102 2.67 -7.90 15.60
N LEU A 103 2.60 -9.12 15.07
CA LEU A 103 1.34 -9.84 15.02
C LEU A 103 0.96 -10.34 16.41
N GLU A 104 1.95 -10.80 17.16
CA GLU A 104 1.71 -11.20 18.55
C GLU A 104 1.30 -10.00 19.40
N ASP A 105 1.96 -8.87 19.18
CA ASP A 105 1.67 -7.65 19.93
C ASP A 105 0.32 -7.04 19.58
N ILE A 106 -0.08 -7.13 18.31
CA ILE A 106 -1.37 -6.64 17.90
C ILE A 106 -2.45 -7.62 18.36
N ALA A 107 -2.05 -8.86 18.58
CA ALA A 107 -2.96 -9.86 19.17
C ALA A 107 -3.21 -9.53 20.64
N LYS A 108 -2.16 -9.14 21.34
CA LYS A 108 -2.30 -8.74 22.74
C LYS A 108 -3.06 -7.43 22.88
N PHE A 109 -2.85 -6.54 21.91
CA PHE A 109 -3.48 -5.22 21.91
C PHE A 109 -5.00 -5.33 21.83
N LEU A 110 -5.48 -6.41 21.23
CA LEU A 110 -6.92 -6.64 21.08
C LEU A 110 -7.41 -7.71 22.04
N ASN A 111 -6.49 -8.23 22.85
CA ASN A 111 -6.77 -9.38 23.71
C ASN A 111 -7.34 -10.54 22.90
N MET A 112 -6.59 -10.98 21.89
CA MET A 112 -7.02 -12.03 20.99
C MET A 112 -5.94 -13.10 20.88
N ASP A 113 -6.32 -14.30 20.45
CA ASP A 113 -5.38 -15.41 20.36
C ASP A 113 -4.37 -15.23 19.23
N CYS A 114 -4.85 -15.09 18.01
CA CYS A 114 -3.98 -14.93 16.85
C CYS A 114 -4.36 -13.73 16.00
N ALA A 115 -3.47 -13.34 15.10
CA ALA A 115 -3.71 -12.19 14.23
C ALA A 115 -2.92 -12.27 12.94
N ARG A 116 -3.51 -11.80 11.86
CA ARG A 116 -2.83 -11.74 10.56
C ARG A 116 -3.01 -10.35 9.94
N PRO A 117 -2.07 -9.94 9.09
CA PRO A 117 -2.21 -8.66 8.38
C PRO A 117 -3.00 -8.82 7.08
N THR A 118 -3.83 -7.83 6.77
CA THR A 118 -4.61 -7.85 5.54
C THR A 118 -4.51 -6.51 4.81
N HIS A 119 -5.29 -6.36 3.75
CA HIS A 119 -5.34 -5.11 3.00
C HIS A 119 -6.56 -4.28 3.42
N GLY A 120 -6.97 -4.43 4.67
CA GLY A 120 -8.11 -3.69 5.19
C GLY A 120 -9.16 -4.59 5.82
N ALA A 121 -10.18 -3.97 6.41
CA ALA A 121 -11.29 -4.71 7.02
C ALA A 121 -12.05 -5.51 5.97
N ARG A 122 -12.15 -4.92 4.77
CA ARG A 122 -12.72 -5.55 3.60
C ARG A 122 -12.19 -6.97 3.43
N GLU A 123 -10.88 -7.03 3.20
CA GLU A 123 -10.18 -8.28 2.98
C GLU A 123 -10.40 -9.27 4.11
N GLY A 124 -10.29 -8.81 5.35
CA GLY A 124 -10.49 -9.67 6.51
C GLY A 124 -11.87 -10.30 6.56
N LYS A 125 -12.89 -9.49 6.31
CA LYS A 125 -14.26 -9.97 6.27
C LYS A 125 -14.44 -11.01 5.16
N PHE A 126 -13.85 -10.76 4.00
CA PHE A 126 -13.91 -11.77 2.94
C PHE A 126 -13.18 -13.05 3.34
N ILE A 127 -12.09 -12.90 4.11
CA ILE A 127 -11.29 -14.03 4.55
C ILE A 127 -12.12 -14.94 5.45
N VAL A 128 -12.70 -14.35 6.50
CA VAL A 128 -13.51 -15.12 7.44
C VAL A 128 -14.75 -15.70 6.76
N MET A 129 -15.36 -14.94 5.85
CA MET A 129 -16.53 -15.42 5.13
C MET A 129 -16.20 -16.57 4.18
N HIS A 130 -14.96 -16.59 3.68
CA HIS A 130 -14.55 -17.58 2.69
C HIS A 130 -13.97 -18.85 3.33
N ALA A 131 -13.45 -18.71 4.54
CA ALA A 131 -12.78 -19.81 5.21
C ALA A 131 -13.67 -20.53 6.23
N ILE A 132 -14.65 -19.81 6.78
CA ILE A 132 -15.48 -20.36 7.86
C ILE A 132 -16.86 -20.81 7.35
N CYS A 133 -17.47 -20.02 6.48
CA CYS A 133 -18.80 -20.30 6.00
C CYS A 133 -18.80 -21.15 4.73
N LYS A 134 -19.85 -21.93 4.54
CA LYS A 134 -20.03 -22.70 3.32
C LYS A 134 -20.99 -21.94 2.40
N GLU A 135 -20.82 -22.11 1.09
CA GLU A 135 -21.65 -21.43 0.11
C GLU A 135 -23.14 -21.65 0.36
N GLY A 136 -23.86 -20.55 0.58
CA GLY A 136 -25.29 -20.64 0.85
C GLY A 136 -25.61 -20.20 2.26
N ASP A 137 -24.62 -20.26 3.15
CA ASP A 137 -24.80 -19.85 4.54
C ASP A 137 -25.21 -18.39 4.65
N TYR A 138 -26.00 -18.08 5.67
CA TYR A 138 -26.45 -16.71 5.88
C TYR A 138 -25.50 -15.93 6.78
N VAL A 139 -25.40 -14.63 6.51
CA VAL A 139 -24.67 -13.70 7.37
C VAL A 139 -25.66 -12.69 7.92
N VAL A 140 -25.87 -12.73 9.23
CA VAL A 140 -26.77 -11.80 9.88
C VAL A 140 -26.02 -10.57 10.40
N LEU A 141 -26.30 -9.42 9.80
CA LEU A 141 -25.63 -8.17 10.17
C LEU A 141 -26.64 -7.07 10.46
N ASP A 142 -26.15 -5.95 10.98
CA ASP A 142 -27.01 -4.81 11.29
C ASP A 142 -27.30 -4.00 10.02
N LYS A 143 -28.33 -3.16 10.08
CA LYS A 143 -28.75 -2.38 8.93
C LYS A 143 -27.81 -1.20 8.67
N ASN A 144 -26.97 -0.88 9.66
CA ASN A 144 -26.00 0.19 9.52
C ASN A 144 -24.67 -0.30 8.95
N ALA A 145 -24.65 -1.55 8.50
CA ALA A 145 -23.42 -2.18 8.02
C ALA A 145 -22.80 -1.46 6.83
N HIS A 146 -21.49 -1.60 6.68
CA HIS A 146 -20.77 -1.00 5.56
C HIS A 146 -21.05 -1.81 4.30
N TYR A 147 -20.87 -1.19 3.13
CA TYR A 147 -21.19 -1.88 1.88
C TYR A 147 -20.25 -3.06 1.62
N THR A 148 -19.05 -2.97 2.18
CA THR A 148 -18.04 -4.01 1.99
C THR A 148 -18.45 -5.32 2.66
N SER A 149 -19.29 -5.24 3.68
CA SER A 149 -19.82 -6.45 4.32
C SER A 149 -20.73 -7.20 3.37
N TYR A 150 -21.70 -6.48 2.80
CA TYR A 150 -22.60 -7.04 1.81
C TYR A 150 -21.85 -7.60 0.61
N VAL A 151 -20.93 -6.80 0.08
CA VAL A 151 -20.17 -7.18 -1.11
C VAL A 151 -19.28 -8.40 -0.87
N ALA A 152 -18.61 -8.43 0.27
CA ALA A 152 -17.78 -9.58 0.63
C ALA A 152 -18.63 -10.82 0.86
N ALA A 153 -19.84 -10.62 1.37
CA ALA A 153 -20.78 -11.71 1.54
C ALA A 153 -21.19 -12.27 0.19
N GLU A 154 -21.40 -11.38 -0.77
CA GLU A 154 -21.81 -11.79 -2.11
C GLU A 154 -20.67 -12.45 -2.88
N ARG A 155 -19.44 -12.07 -2.59
CA ARG A 155 -18.28 -12.67 -3.24
C ARG A 155 -18.01 -14.06 -2.67
N ALA A 156 -18.39 -14.26 -1.42
CA ALA A 156 -18.25 -15.56 -0.78
C ALA A 156 -19.48 -16.42 -1.04
N LYS A 157 -20.35 -15.94 -1.91
CA LYS A 157 -21.58 -16.65 -2.30
C LYS A 157 -22.48 -16.94 -1.10
N LEU A 158 -22.53 -15.98 -0.19
CA LEU A 158 -23.35 -16.10 1.01
C LEU A 158 -24.57 -15.18 0.92
N ASN A 159 -25.61 -15.50 1.68
CA ASN A 159 -26.80 -14.66 1.74
C ASN A 159 -26.71 -13.69 2.91
N VAL A 160 -27.60 -12.70 2.94
CA VAL A 160 -27.55 -11.67 3.97
C VAL A 160 -28.89 -11.45 4.66
N ALA A 161 -28.86 -11.38 5.99
CA ALA A 161 -30.04 -11.05 6.77
C ALA A 161 -29.79 -9.82 7.63
N GLU A 162 -30.69 -8.84 7.57
CA GLU A 162 -30.48 -7.58 8.28
C GLU A 162 -31.21 -7.53 9.61
N VAL A 163 -30.67 -6.75 10.54
CA VAL A 163 -31.27 -6.55 11.85
C VAL A 163 -31.80 -5.12 11.95
N GLY A 164 -33.07 -4.99 12.34
CA GLY A 164 -33.74 -3.71 12.37
C GLY A 164 -33.25 -2.73 13.42
N TYR A 165 -33.85 -1.55 13.43
CA TYR A 165 -33.46 -0.50 14.37
C TYR A 165 -34.27 -0.55 15.66
N GLU A 166 -33.61 -0.27 16.77
CA GLU A 166 -34.28 -0.07 18.05
C GLU A 166 -35.10 1.23 17.95
N GLU A 167 -34.56 2.15 17.17
CA GLU A 167 -35.24 3.41 16.84
C GLU A 167 -34.61 3.97 15.57
N GLU A 168 -35.43 4.57 14.72
CA GLU A 168 -34.91 5.19 13.49
C GLU A 168 -34.52 6.65 13.73
N TYR A 169 -35.25 7.57 13.11
CA TYR A 169 -34.97 8.99 13.23
C TYR A 169 -35.17 9.47 14.67
N PRO A 170 -34.19 10.23 15.20
CA PRO A 170 -32.94 10.56 14.51
C PRO A 170 -31.77 9.72 15.04
N THR A 171 -32.08 8.68 15.79
CA THR A 171 -31.06 7.90 16.48
C THR A 171 -30.42 6.84 15.58
N TYR A 172 -31.26 6.10 14.86
CA TYR A 172 -30.81 5.00 14.01
C TYR A 172 -29.96 3.99 14.79
N LYS A 173 -30.42 3.67 15.99
CA LYS A 173 -29.75 2.71 16.86
C LYS A 173 -30.23 1.30 16.55
N ILE A 174 -29.29 0.36 16.48
CA ILE A 174 -29.62 -1.03 16.15
C ILE A 174 -30.14 -1.80 17.37
N ASN A 175 -31.29 -2.47 17.18
CA ASN A 175 -31.84 -3.34 18.20
C ASN A 175 -30.99 -4.62 18.32
N LEU A 176 -30.03 -4.60 19.22
CA LEU A 176 -29.06 -5.69 19.36
C LEU A 176 -29.69 -7.03 19.74
N GLU A 177 -30.74 -6.98 20.56
CA GLU A 177 -31.44 -8.21 20.95
C GLU A 177 -32.10 -8.83 19.74
N GLY A 178 -32.55 -7.97 18.82
CA GLY A 178 -33.23 -8.39 17.60
C GLY A 178 -32.47 -9.45 16.84
N TYR A 179 -31.14 -9.36 16.88
CA TYR A 179 -30.25 -10.36 16.30
C TYR A 179 -30.77 -11.77 16.57
N LYS A 180 -30.97 -12.06 17.86
CA LYS A 180 -31.47 -13.36 18.29
C LYS A 180 -32.68 -13.78 17.46
N GLU A 181 -33.70 -12.93 17.49
CA GLU A 181 -34.92 -13.16 16.71
C GLU A 181 -34.57 -13.44 15.25
N VAL A 182 -33.78 -12.55 14.66
CA VAL A 182 -33.42 -12.65 13.24
C VAL A 182 -32.76 -13.98 12.93
N ILE A 183 -32.04 -14.53 13.91
CA ILE A 183 -31.40 -15.83 13.71
C ILE A 183 -32.45 -16.93 13.67
N ASP A 184 -33.36 -16.92 14.64
CA ASP A 184 -34.34 -17.98 14.76
C ASP A 184 -35.25 -18.03 13.54
N ASN A 185 -35.67 -16.86 13.07
CA ASN A 185 -36.49 -16.73 11.87
C ASN A 185 -35.83 -17.38 10.65
N LEU A 186 -34.50 -17.47 10.68
CA LEU A 186 -33.76 -18.13 9.61
C LEU A 186 -33.65 -19.62 9.87
N GLU A 187 -33.47 -20.00 11.13
CA GLU A 187 -33.29 -21.40 11.47
C GLU A 187 -34.60 -22.17 11.43
N ASP A 188 -35.72 -21.46 11.62
CA ASP A 188 -37.03 -22.08 11.50
C ASP A 188 -37.33 -22.42 10.05
N LYS A 189 -36.88 -21.57 9.13
CA LYS A 189 -37.08 -21.78 7.70
C LYS A 189 -36.11 -22.84 7.17
N GLY A 190 -35.26 -23.35 8.05
CA GLY A 190 -34.34 -24.41 7.68
C GLY A 190 -33.01 -23.89 7.17
N LYS A 191 -32.91 -22.57 7.02
CA LYS A 191 -31.68 -21.95 6.54
C LYS A 191 -30.56 -22.10 7.56
N ASN A 192 -29.31 -22.07 7.08
CA ASN A 192 -28.16 -22.22 7.95
C ASN A 192 -27.38 -20.92 8.10
N VAL A 193 -27.24 -20.46 9.33
CA VAL A 193 -26.51 -19.22 9.61
C VAL A 193 -25.04 -19.52 9.88
N GLY A 194 -24.17 -18.95 9.05
CA GLY A 194 -22.75 -19.24 9.14
C GLY A 194 -21.92 -18.19 9.85
N LEU A 195 -22.45 -16.97 9.94
CA LEU A 195 -21.71 -15.88 10.55
C LEU A 195 -22.61 -14.77 11.07
N ILE A 196 -22.23 -14.20 12.21
CA ILE A 196 -22.94 -13.04 12.78
C ILE A 196 -22.00 -11.84 12.80
N LEU A 197 -22.30 -10.85 11.97
CA LEU A 197 -21.44 -9.67 11.86
C LEU A 197 -22.07 -8.47 12.55
N LEU A 198 -21.23 -7.72 13.28
CA LEU A 198 -21.69 -6.49 13.91
C LEU A 198 -20.69 -5.36 13.69
N THR A 199 -21.11 -4.31 12.99
CA THR A 199 -20.28 -3.12 12.83
C THR A 199 -20.23 -2.38 14.15
N HIS A 200 -19.07 -2.41 14.80
CA HIS A 200 -18.88 -1.80 16.11
C HIS A 200 -19.27 -0.33 16.10
N VAL A 201 -18.79 0.38 15.10
CA VAL A 201 -19.20 1.76 14.84
C VAL A 201 -19.46 1.93 13.35
N ASP A 202 -20.67 2.36 13.00
CA ASP A 202 -21.03 2.49 11.59
C ASP A 202 -20.50 3.78 10.98
N GLY A 203 -20.36 3.79 9.66
CA GLY A 203 -19.78 4.91 8.95
C GLY A 203 -20.79 5.98 8.54
N GLU A 204 -22.01 5.85 9.02
CA GLU A 204 -23.07 6.79 8.68
C GLU A 204 -23.44 7.72 9.83
N TYR A 205 -23.65 7.13 11.01
CA TYR A 205 -24.07 7.91 12.17
C TYR A 205 -23.02 7.85 13.29
N GLY A 206 -22.06 6.96 13.14
CA GLY A 206 -20.99 6.84 14.12
C GLY A 206 -21.49 6.39 15.48
N ASN A 207 -22.44 5.47 15.49
CA ASN A 207 -22.99 4.95 16.73
C ASN A 207 -22.17 3.78 17.27
N LEU A 208 -21.84 3.85 18.56
CA LEU A 208 -21.16 2.75 19.23
C LEU A 208 -22.19 1.73 19.67
N ASN A 209 -21.87 0.44 19.51
CA ASN A 209 -22.78 -0.62 19.87
C ASN A 209 -22.20 -1.56 20.93
N ASP A 210 -23.02 -1.92 21.91
CA ASP A 210 -22.59 -2.83 22.97
C ASP A 210 -22.36 -4.23 22.40
N ALA A 211 -21.14 -4.48 21.95
CA ALA A 211 -20.80 -5.73 21.26
C ALA A 211 -20.94 -6.97 22.14
N LYS A 212 -20.91 -6.77 23.46
CA LYS A 212 -20.96 -7.90 24.39
C LYS A 212 -22.31 -8.62 24.33
N LYS A 213 -23.36 -7.89 23.99
CA LYS A 213 -24.69 -8.48 23.86
C LYS A 213 -24.74 -9.49 22.71
N VAL A 214 -24.39 -9.01 21.52
CA VAL A 214 -24.35 -9.85 20.32
C VAL A 214 -23.33 -10.97 20.52
N GLY A 215 -22.31 -10.70 21.30
CA GLY A 215 -21.32 -11.70 21.66
C GLY A 215 -21.96 -12.82 22.45
N LYS A 216 -22.76 -12.45 23.45
CA LYS A 216 -23.49 -13.42 24.27
C LYS A 216 -24.43 -14.26 23.41
N ILE A 217 -25.19 -13.58 22.55
CA ILE A 217 -26.13 -14.27 21.67
C ILE A 217 -25.41 -15.27 20.78
N ALA A 218 -24.34 -14.82 20.13
CA ALA A 218 -23.54 -15.67 19.24
C ALA A 218 -22.96 -16.86 19.98
N LYS A 219 -22.53 -16.64 21.22
CA LYS A 219 -21.98 -17.70 22.05
C LYS A 219 -23.05 -18.74 22.41
N GLU A 220 -24.25 -18.26 22.69
CA GLU A 220 -25.37 -19.14 23.01
C GLU A 220 -25.75 -20.00 21.82
N LYS A 221 -26.00 -19.35 20.68
CA LYS A 221 -26.42 -20.06 19.49
C LYS A 221 -25.28 -20.88 18.88
N GLY A 222 -24.05 -20.58 19.30
CA GLY A 222 -22.88 -21.32 18.86
C GLY A 222 -22.36 -20.87 17.51
N ILE A 223 -22.84 -19.71 17.05
CA ILE A 223 -22.45 -19.17 15.75
C ILE A 223 -21.26 -18.20 15.90
N PRO A 224 -20.25 -18.36 15.05
CA PRO A 224 -19.07 -17.47 15.05
C PRO A 224 -19.45 -15.99 14.94
N PHE A 225 -18.72 -15.14 15.66
CA PHE A 225 -19.04 -13.73 15.73
C PHE A 225 -17.90 -12.84 15.19
N LEU A 226 -18.22 -12.06 14.15
CA LEU A 226 -17.27 -11.11 13.60
C LEU A 226 -17.63 -9.68 13.97
N LEU A 227 -16.69 -9.00 14.60
CA LEU A 227 -16.88 -7.60 14.98
C LEU A 227 -16.10 -6.68 14.05
N ASN A 228 -16.83 -5.87 13.31
CA ASN A 228 -16.23 -4.89 12.40
C ASN A 228 -15.74 -3.67 13.16
N CYS A 229 -14.44 -3.65 13.46
CA CYS A 229 -13.85 -2.57 14.23
C CYS A 229 -13.03 -1.64 13.34
N ALA A 230 -13.52 -1.37 12.13
CA ALA A 230 -12.83 -0.49 11.21
C ALA A 230 -12.75 0.92 11.77
N TYR A 231 -13.81 1.34 12.46
CA TYR A 231 -13.86 2.66 13.07
C TYR A 231 -13.58 2.60 14.57
N THR A 232 -13.02 1.48 15.02
CA THR A 232 -12.80 1.26 16.45
C THR A 232 -11.32 1.04 16.81
N VAL A 233 -10.74 -0.06 16.33
CA VAL A 233 -9.36 -0.38 16.63
C VAL A 233 -8.41 0.71 16.16
N GLY A 234 -7.74 1.34 17.12
CA GLY A 234 -6.82 2.43 16.82
C GLY A 234 -7.32 3.75 17.36
N ARG A 235 -8.63 3.86 17.54
CA ARG A 235 -9.22 5.05 18.13
C ARG A 235 -9.47 4.82 19.62
N MET A 236 -10.27 3.81 19.93
CA MET A 236 -10.61 3.47 21.30
C MET A 236 -10.07 2.08 21.65
N PRO A 237 -9.85 1.81 22.93
CA PRO A 237 -9.45 0.46 23.34
C PRO A 237 -10.57 -0.55 23.10
N VAL A 238 -10.20 -1.77 22.74
CA VAL A 238 -11.18 -2.81 22.44
C VAL A 238 -10.69 -4.19 22.86
N ASN A 239 -11.49 -4.87 23.65
CA ASN A 239 -11.15 -6.20 24.14
C ASN A 239 -11.97 -7.27 23.44
N GLY A 240 -11.32 -8.07 22.59
CA GLY A 240 -11.98 -9.09 21.82
C GLY A 240 -12.64 -10.18 22.65
N LYS A 241 -11.92 -10.67 23.65
CA LYS A 241 -12.45 -11.73 24.51
C LYS A 241 -13.58 -11.23 25.40
N GLU A 242 -13.50 -9.97 25.82
CA GLU A 242 -14.49 -9.40 26.73
C GLU A 242 -15.86 -9.26 26.08
N VAL A 243 -15.86 -8.92 24.79
CA VAL A 243 -17.12 -8.82 24.05
C VAL A 243 -17.49 -10.15 23.41
N LYS A 244 -16.71 -11.18 23.73
CA LYS A 244 -16.95 -12.54 23.23
C LYS A 244 -17.00 -12.61 21.72
N ALA A 245 -15.96 -12.10 21.06
CA ALA A 245 -15.87 -12.14 19.61
C ALA A 245 -14.91 -13.25 19.17
N ASP A 246 -15.18 -13.82 18.01
CA ASP A 246 -14.31 -14.86 17.46
C ASP A 246 -13.42 -14.28 16.37
N PHE A 247 -13.91 -13.24 15.71
CA PHE A 247 -13.12 -12.56 14.68
C PHE A 247 -13.25 -11.04 14.84
N ILE A 248 -12.16 -10.33 14.60
CA ILE A 248 -12.15 -8.88 14.61
C ILE A 248 -11.39 -8.34 13.42
N VAL A 249 -12.04 -7.47 12.65
CA VAL A 249 -11.39 -6.82 11.52
C VAL A 249 -11.10 -5.35 11.83
N ALA A 250 -9.87 -4.93 11.55
CA ALA A 250 -9.44 -3.57 11.80
C ALA A 250 -8.90 -2.95 10.52
N SER A 251 -9.18 -1.66 10.33
CA SER A 251 -8.70 -0.95 9.16
C SER A 251 -7.53 -0.05 9.52
N GLY A 252 -6.36 -0.37 8.99
CA GLY A 252 -5.14 0.36 9.32
C GLY A 252 -5.12 1.76 8.77
N HIS A 253 -5.71 1.94 7.59
CA HIS A 253 -5.70 3.25 6.93
C HIS A 253 -6.87 4.12 7.35
N1 LLP A 254 -16.68 -0.69 8.07
C2 LLP A 254 -16.87 0.68 8.17
C2' LLP A 254 -17.95 1.21 9.06
C3 LLP A 254 -16.07 1.55 7.46
O3 LLP A 254 -16.24 2.77 7.55
C4 LLP A 254 -15.07 1.05 6.63
C4' LLP A 254 -14.20 2.00 5.86
C5 LLP A 254 -14.88 -0.33 6.53
C6 LLP A 254 -15.69 -1.19 7.25
C5' LLP A 254 -13.80 -0.89 5.64
OP4 LLP A 254 -12.47 -0.31 5.64
P LLP A 254 -11.35 -0.87 4.63
OP1 LLP A 254 -12.11 -1.75 3.71
OP2 LLP A 254 -10.79 0.33 3.99
OP3 LLP A 254 -10.42 -1.59 5.53
N LLP A 254 -7.81 3.54 8.10
CA LLP A 254 -8.97 4.30 8.55
CB LLP A 254 -10.27 3.50 8.30
CG LLP A 254 -11.53 4.18 8.80
CD LLP A 254 -12.78 3.48 8.29
CE LLP A 254 -13.01 3.76 6.81
NZ LLP A 254 -14.33 3.24 6.33
C LLP A 254 -8.87 4.70 10.02
O LLP A 254 -9.31 5.78 10.40
N SER A 255 -8.27 3.85 10.84
CA SER A 255 -8.22 4.11 12.28
C SER A 255 -6.88 3.81 12.95
N MET A 256 -5.90 3.30 12.20
CA MET A 256 -4.64 2.91 12.81
C MET A 256 -3.42 3.71 12.33
N ALA A 257 -3.66 4.93 11.87
CA ALA A 257 -2.59 5.86 11.48
C ALA A 257 -1.63 5.29 10.44
N ALA A 258 -2.14 4.44 9.54
CA ALA A 258 -1.35 3.89 8.46
C ALA A 258 -1.90 4.37 7.12
N SER A 259 -1.15 4.14 6.05
CA SER A 259 -1.59 4.52 4.72
C SER A 259 -1.88 3.27 3.91
N ALA A 260 -2.17 3.44 2.62
CA ALA A 260 -2.31 2.32 1.68
C ALA A 260 -3.45 1.38 2.05
N PRO A 261 -3.68 0.32 1.26
CA PRO A 261 -4.56 -0.71 1.82
C PRO A 261 -3.87 -1.44 2.98
N CYS A 262 -4.45 -1.32 4.17
CA CYS A 262 -3.84 -1.86 5.37
C CYS A 262 -4.89 -2.27 6.39
N GLY A 263 -4.77 -3.49 6.91
CA GLY A 263 -5.74 -3.99 7.87
C GLY A 263 -5.28 -5.17 8.71
N ILE A 264 -6.07 -5.53 9.71
CA ILE A 264 -5.74 -6.62 10.61
C ILE A 264 -6.93 -7.55 10.81
N LEU A 265 -6.67 -8.86 10.80
CA LEU A 265 -7.69 -9.85 11.14
C LEU A 265 -7.26 -10.65 12.37
N ALA A 266 -7.89 -10.36 13.51
CA ALA A 266 -7.63 -11.11 14.73
C ALA A 266 -8.67 -12.21 14.89
N PHE A 267 -8.25 -13.34 15.46
CA PHE A 267 -9.15 -14.48 15.60
C PHE A 267 -8.75 -15.41 16.73
N SER A 268 -9.71 -16.16 17.24
CA SER A 268 -9.48 -17.06 18.37
C SER A 268 -8.79 -18.35 17.90
N GLU A 269 -8.21 -19.07 18.85
CA GLU A 269 -7.51 -20.32 18.57
C GLU A 269 -8.43 -21.34 17.90
N GLU A 270 -9.69 -21.34 18.30
CA GLU A 270 -10.69 -22.26 17.78
C GLU A 270 -10.72 -22.32 16.26
N PHE A 271 -10.56 -21.17 15.62
CA PHE A 271 -10.62 -21.08 14.17
C PHE A 271 -9.25 -20.94 13.52
N SER A 272 -8.20 -20.97 14.34
CA SER A 272 -6.84 -20.75 13.87
C SER A 272 -6.44 -21.70 12.75
N ASP A 273 -6.89 -22.94 12.84
CA ASP A 273 -6.57 -23.95 11.83
C ASP A 273 -7.26 -23.65 10.51
N LYS A 274 -8.45 -23.06 10.57
CA LYS A 274 -9.22 -22.75 9.36
C LYS A 274 -8.70 -21.50 8.66
N ILE A 275 -8.45 -20.45 9.43
CA ILE A 275 -7.98 -19.18 8.88
C ILE A 275 -6.57 -19.31 8.31
N THR A 276 -5.68 -19.95 9.07
CA THR A 276 -4.29 -20.10 8.66
C THR A 276 -4.03 -21.44 8.00
N LYS A 277 -5.04 -21.96 7.28
CA LYS A 277 -4.91 -23.24 6.59
C LYS A 277 -3.85 -23.15 5.50
N THR A 278 -2.81 -23.96 5.62
CA THR A 278 -1.71 -23.93 4.67
C THR A 278 -2.06 -24.67 3.37
N SER A 279 -1.24 -24.47 2.34
CA SER A 279 -1.49 -25.07 1.04
C SER A 279 -0.83 -26.44 0.90
N GLU A 280 -1.36 -27.24 -0.02
CA GLU A 280 -0.87 -28.59 -0.25
C GLU A 280 0.49 -28.58 -0.94
N LYS A 281 0.57 -27.87 -2.06
CA LYS A 281 1.79 -27.78 -2.84
C LYS A 281 2.91 -27.07 -2.07
N PHE A 282 2.52 -26.09 -1.26
CA PHE A 282 3.48 -25.33 -0.46
C PHE A 282 3.03 -25.25 1.00
N PRO A 283 3.47 -26.22 1.82
CA PRO A 283 3.08 -26.37 3.23
C PRO A 283 3.45 -25.19 4.13
N VAL A 284 4.18 -24.20 3.61
CA VAL A 284 4.53 -23.03 4.40
C VAL A 284 3.61 -21.85 4.10
N LYS A 285 3.11 -21.79 2.87
CA LYS A 285 2.26 -20.68 2.44
C LYS A 285 0.81 -20.88 2.84
N GLU A 286 0.26 -19.91 3.57
CA GLU A 286 -1.14 -19.95 3.98
C GLU A 286 -2.04 -19.62 2.79
N ILE A 287 -3.09 -20.43 2.61
CA ILE A 287 -3.98 -20.31 1.46
C ILE A 287 -4.73 -18.97 1.42
N GLU A 288 -5.44 -18.67 2.49
CA GLU A 288 -6.30 -17.49 2.55
C GLU A 288 -5.49 -16.20 2.50
N MET A 289 -4.24 -16.26 2.95
CA MET A 289 -3.37 -15.09 2.93
C MET A 289 -2.71 -14.94 1.57
N LEU A 290 -2.83 -15.99 0.75
CA LEU A 290 -2.28 -16.03 -0.60
C LEU A 290 -0.75 -15.94 -0.62
N GLY A 291 -0.13 -16.17 0.53
CA GLY A 291 1.31 -16.08 0.67
C GLY A 291 1.71 -15.27 1.87
N CYS A 292 1.98 -15.96 2.98
CA CYS A 292 2.32 -15.29 4.23
C CYS A 292 3.65 -14.53 4.18
N THR A 293 3.68 -13.42 3.45
CA THR A 293 4.86 -12.56 3.37
C THR A 293 4.54 -11.08 3.59
N SER A 294 3.24 -10.78 3.70
CA SER A 294 2.68 -9.43 3.77
C SER A 294 3.69 -8.27 3.86
N ARG A 295 4.20 -7.85 2.71
CA ARG A 295 5.21 -6.80 2.64
C ARG A 295 4.67 -5.57 1.95
N GLY A 296 5.43 -4.48 2.02
CA GLY A 296 5.05 -3.24 1.36
C GLY A 296 4.97 -2.07 2.32
N LEU A 297 4.63 -0.91 1.79
CA LEU A 297 4.52 0.33 2.56
C LEU A 297 3.50 0.33 3.72
N PRO A 298 2.25 -0.16 3.49
CA PRO A 298 1.23 -0.07 4.54
C PRO A 298 1.62 -0.76 5.84
N ILE A 299 2.13 -1.99 5.76
CA ILE A 299 2.50 -2.74 6.95
C ILE A 299 3.63 -2.04 7.71
N VAL A 300 4.51 -1.38 6.97
CA VAL A 300 5.61 -0.62 7.55
C VAL A 300 5.09 0.60 8.30
N THR A 301 4.19 1.34 7.67
CA THR A 301 3.58 2.51 8.31
C THR A 301 2.76 2.10 9.53
N LEU A 302 2.17 0.92 9.46
CA LEU A 302 1.35 0.40 10.54
C LEU A 302 2.21 0.06 11.75
N MET A 303 3.28 -0.70 11.51
CA MET A 303 4.21 -1.05 12.56
C MET A 303 4.87 0.20 13.15
N ALA A 304 5.12 1.18 12.30
CA ALA A 304 5.76 2.42 12.73
C ALA A 304 4.81 3.29 13.54
N SER A 305 3.52 3.21 13.23
CA SER A 305 2.52 4.00 13.93
C SER A 305 1.93 3.27 15.14
N PHE A 306 2.34 2.02 15.32
CA PHE A 306 1.84 1.21 16.44
C PHE A 306 2.03 1.84 17.83
N PRO A 307 3.24 2.33 18.15
CA PRO A 307 3.38 2.98 19.47
C PRO A 307 2.54 4.25 19.58
N HIS A 308 2.41 4.99 18.49
CA HIS A 308 1.59 6.19 18.47
C HIS A 308 0.12 5.84 18.70
N VAL A 309 -0.29 4.70 18.16
CA VAL A 309 -1.68 4.26 18.25
C VAL A 309 -2.05 3.75 19.64
N VAL A 310 -1.19 2.88 20.20
CA VAL A 310 -1.44 2.30 21.52
C VAL A 310 -1.45 3.37 22.62
N GLU A 311 -0.88 4.53 22.31
CA GLU A 311 -0.80 5.62 23.27
C GLU A 311 -1.98 6.57 23.11
N ARG A 312 -2.47 6.70 21.88
CA ARG A 312 -3.55 7.63 21.59
C ARG A 312 -4.93 7.05 21.93
N VAL A 313 -4.98 5.73 22.14
CA VAL A 313 -6.23 5.10 22.54
C VAL A 313 -6.48 5.31 24.02
N LYS A 314 -5.42 5.59 24.76
CA LYS A 314 -5.52 5.89 26.18
C LYS A 314 -6.02 7.32 26.38
N LYS A 315 -5.97 8.11 25.32
CA LYS A 315 -6.44 9.50 25.36
C LYS A 315 -7.64 9.70 24.45
N TRP A 316 -8.50 8.69 24.41
CA TRP A 316 -9.69 8.70 23.56
C TRP A 316 -10.75 9.68 24.06
N ASP A 317 -10.80 9.86 25.37
CA ASP A 317 -11.77 10.75 26.00
C ASP A 317 -11.53 12.22 25.64
N GLU A 318 -10.30 12.54 25.28
CA GLU A 318 -9.96 13.90 24.88
C GLU A 318 -10.53 14.19 23.49
N GLU A 319 -10.39 13.21 22.60
CA GLU A 319 -10.96 13.31 21.26
C GLU A 319 -12.49 13.34 21.34
N LEU A 320 -13.04 12.55 22.25
CA LEU A 320 -14.47 12.60 22.53
C LEU A 320 -14.88 13.99 23.01
N LYS A 321 -14.02 14.59 23.83
CA LYS A 321 -14.24 15.94 24.33
C LYS A 321 -14.32 16.94 23.18
N LYS A 322 -13.37 16.81 22.24
CA LYS A 322 -13.37 17.64 21.05
C LYS A 322 -14.69 17.48 20.28
N THR A 323 -15.06 16.23 20.03
CA THR A 323 -16.30 15.89 19.34
C THR A 323 -17.51 16.55 19.95
N ARG A 324 -17.74 16.30 21.24
CA ARG A 324 -18.88 16.85 21.94
C ARG A 324 -18.85 18.37 21.99
N TYR A 325 -17.64 18.93 22.02
CA TYR A 325 -17.49 20.38 21.92
C TYR A 325 -18.06 20.88 20.60
N VAL A 326 -17.67 20.22 19.51
CA VAL A 326 -18.16 20.58 18.18
C VAL A 326 -19.69 20.46 18.09
N VAL A 327 -20.22 19.34 18.57
CA VAL A 327 -21.66 19.11 18.54
C VAL A 327 -22.43 20.18 19.33
N ASP A 328 -22.02 20.38 20.57
CA ASP A 328 -22.68 21.36 21.44
C ASP A 328 -22.60 22.78 20.87
N GLU A 329 -21.47 23.11 20.28
CA GLU A 329 -21.25 24.46 19.76
C GLU A 329 -21.98 24.70 18.44
N LEU A 330 -22.18 23.64 17.66
CA LEU A 330 -22.83 23.78 16.36
C LEU A 330 -24.35 23.71 16.42
N GLU A 331 -24.88 23.04 17.45
CA GLU A 331 -26.33 22.93 17.61
C GLU A 331 -26.95 24.27 18.02
N LYS A 332 -26.12 25.27 18.25
CA LYS A 332 -26.58 26.61 18.59
C LYS A 332 -26.99 27.37 17.34
N ILE A 333 -26.36 27.06 16.21
CA ILE A 333 -26.60 27.79 14.97
C ILE A 333 -27.66 27.12 14.08
N GLY A 334 -28.15 25.97 14.51
CA GLY A 334 -29.22 25.30 13.79
C GLY A 334 -28.91 23.89 13.33
N PHE A 335 -27.73 23.39 13.67
CA PHE A 335 -27.36 22.02 13.32
C PHE A 335 -28.04 21.06 14.28
N LYS A 336 -28.39 19.88 13.79
CA LYS A 336 -28.98 18.86 14.66
C LYS A 336 -28.24 17.54 14.55
N GLN A 337 -27.57 17.15 15.64
CA GLN A 337 -26.78 15.92 15.64
C GLN A 337 -27.67 14.69 15.50
N LEU A 338 -27.44 13.92 14.44
CA LEU A 338 -28.13 12.66 14.24
C LEU A 338 -27.35 11.55 14.94
N GLY A 339 -27.98 10.40 15.12
CA GLY A 339 -27.35 9.30 15.82
C GLY A 339 -27.52 9.40 17.32
N ILE A 340 -26.93 8.47 18.05
CA ILE A 340 -27.05 8.41 19.51
C ILE A 340 -26.42 9.63 20.18
N LYS A 341 -27.16 10.23 21.11
CA LYS A 341 -26.65 11.33 21.92
C LYS A 341 -26.49 10.87 23.37
N PRO A 342 -25.35 11.21 24.00
CA PRO A 342 -24.25 11.99 23.45
C PRO A 342 -23.33 11.16 22.56
N LYS A 343 -22.39 11.81 21.89
CA LYS A 343 -21.51 11.14 20.95
C LYS A 343 -20.49 10.25 21.66
N GLU A 344 -20.37 9.01 21.19
CA GLU A 344 -19.38 8.08 21.72
C GLU A 344 -18.32 7.77 20.68
N HIS A 345 -18.23 8.63 19.67
CA HIS A 345 -17.28 8.46 18.58
C HIS A 345 -17.02 9.82 17.91
N ASP A 346 -15.97 9.90 17.12
CA ASP A 346 -15.59 11.17 16.51
C ASP A 346 -16.39 11.47 15.23
N LEU A 347 -16.92 10.43 14.61
CA LEU A 347 -17.72 10.60 13.40
C LEU A 347 -19.07 11.22 13.70
N ILE A 348 -19.28 12.44 13.21
CA ILE A 348 -20.52 13.17 13.44
C ILE A 348 -21.32 13.37 12.17
N LYS A 349 -22.61 13.10 12.24
CA LYS A 349 -23.53 13.43 11.16
C LYS A 349 -24.53 14.48 11.61
N PHE A 350 -24.49 15.64 10.96
CA PHE A 350 -25.40 16.74 11.28
C PHE A 350 -26.50 16.87 10.23
N GLU A 351 -27.72 17.05 10.71
CA GLU A 351 -28.82 17.47 9.86
C GLU A 351 -28.83 18.99 9.87
N THR A 352 -28.67 19.60 8.69
CA THR A 352 -28.54 21.04 8.59
C THR A 352 -29.58 21.65 7.64
N PRO A 353 -30.73 22.07 8.19
CA PRO A 353 -31.77 22.74 7.40
C PRO A 353 -31.31 24.12 6.94
N VAL A 354 -30.54 24.79 7.80
CA VAL A 354 -30.05 26.13 7.52
C VAL A 354 -29.25 26.20 6.22
N LEU A 355 -28.29 25.29 6.08
CA LEU A 355 -27.46 25.22 4.88
C LEU A 355 -28.30 25.03 3.63
N ASP A 356 -29.33 24.20 3.74
CA ASP A 356 -30.22 23.95 2.62
C ASP A 356 -31.01 25.22 2.27
N GLU A 357 -31.40 25.96 3.30
CA GLU A 357 -32.12 27.22 3.11
C GLU A 357 -31.25 28.27 2.42
N ILE A 358 -29.99 28.35 2.82
CA ILE A 358 -29.06 29.29 2.20
C ILE A 358 -28.77 28.89 0.76
N ALA A 359 -28.63 27.58 0.53
CA ALA A 359 -28.38 27.06 -0.80
C ALA A 359 -29.61 27.25 -1.71
N LYS A 360 -30.77 27.37 -1.09
CA LYS A 360 -32.01 27.56 -1.83
C LYS A 360 -32.00 28.90 -2.57
N LYS A 361 -31.89 29.99 -1.81
CA LYS A 361 -31.85 31.33 -2.40
C LYS A 361 -30.78 32.20 -1.76
N ASP A 362 -29.66 32.38 -2.47
CA ASP A 362 -29.47 31.79 -3.79
C ASP A 362 -28.08 31.21 -3.92
N LYS A 363 -27.07 32.08 -3.94
CA LYS A 363 -25.66 31.69 -4.03
C LYS A 363 -25.36 30.81 -5.23
N ARG A 364 -24.61 29.73 -4.97
CA ARG A 364 -24.18 28.82 -6.02
C ARG A 364 -24.76 27.43 -5.76
N ARG A 365 -26.04 27.39 -5.38
CA ARG A 365 -26.73 26.16 -5.01
C ARG A 365 -26.04 25.46 -3.84
N GLY A 366 -26.27 24.16 -3.72
CA GLY A 366 -25.70 23.38 -2.63
C GLY A 366 -24.19 23.37 -2.59
N PHE A 367 -23.57 23.88 -3.65
CA PHE A 367 -22.12 23.96 -3.72
C PHE A 367 -21.57 25.20 -3.03
N PHE A 368 -22.45 26.01 -2.45
CA PHE A 368 -22.00 27.22 -1.76
C PHE A 368 -21.12 26.88 -0.57
N PHE A 369 -21.62 26.00 0.29
CA PHE A 369 -20.96 25.63 1.55
C PHE A 369 -19.53 25.19 1.28
N TYR A 370 -19.39 24.21 0.41
CA TYR A 370 -18.09 23.73 -0.05
C TYR A 370 -17.17 24.88 -0.39
N ASP A 371 -17.64 25.77 -1.27
CA ASP A 371 -16.85 26.90 -1.71
C ASP A 371 -16.46 27.75 -0.51
N GLU A 372 -17.44 28.02 0.34
CA GLU A 372 -17.23 28.87 1.51
C GLU A 372 -16.29 28.22 2.52
N LEU A 373 -16.12 26.90 2.40
CA LEU A 373 -15.17 26.20 3.26
C LEU A 373 -13.77 26.23 2.64
N LYS A 374 -13.71 26.28 1.31
CA LYS A 374 -12.42 26.31 0.63
C LYS A 374 -11.75 27.67 0.82
N LYS A 375 -12.57 28.70 0.96
CA LYS A 375 -12.06 30.05 1.19
C LYS A 375 -11.36 30.15 2.55
N ARG A 376 -11.79 29.32 3.48
CA ARG A 376 -11.23 29.34 4.84
C ARG A 376 -10.28 28.18 5.10
N GLY A 377 -9.88 27.50 4.03
CA GLY A 377 -8.92 26.40 4.14
C GLY A 377 -9.46 25.19 4.86
N ILE A 378 -10.69 24.80 4.51
CA ILE A 378 -11.32 23.63 5.10
C ILE A 378 -11.96 22.74 4.04
N GLY A 379 -11.64 21.45 4.09
CA GLY A 379 -12.23 20.48 3.18
C GLY A 379 -12.62 19.22 3.92
N GLY A 380 -13.20 18.26 3.19
CA GLY A 380 -13.61 17.00 3.80
C GLY A 380 -15.11 16.81 3.79
N ILE A 381 -15.83 17.87 3.43
CA ILE A 381 -17.28 17.81 3.29
C ILE A 381 -17.63 17.66 1.82
N ARG A 382 -18.55 16.75 1.50
CA ARG A 382 -18.94 16.52 0.12
C ARG A 382 -19.59 17.76 -0.50
N ALA A 383 -19.09 18.16 -1.66
CA ALA A 383 -19.58 19.34 -2.35
C ALA A 383 -20.97 19.13 -2.91
N GLY A 384 -21.83 20.14 -2.75
CA GLY A 384 -23.18 20.08 -3.30
C GLY A 384 -24.23 19.70 -2.29
N VAL A 385 -23.85 18.94 -1.28
CA VAL A 385 -24.79 18.48 -0.26
C VAL A 385 -24.97 19.51 0.85
N THR A 386 -26.23 19.83 1.17
CA THR A 386 -26.52 20.81 2.21
C THR A 386 -27.60 20.32 3.17
N LYS A 387 -28.34 19.29 2.78
CA LYS A 387 -29.38 18.74 3.63
C LYS A 387 -28.79 18.12 4.89
N GLU A 388 -27.53 17.70 4.79
CA GLU A 388 -26.82 17.09 5.90
C GLU A 388 -25.33 17.15 5.64
N ILE A 389 -24.53 17.25 6.70
CA ILE A 389 -23.08 17.24 6.55
C ILE A 389 -22.43 16.24 7.49
N LYS A 390 -21.38 15.58 7.01
CA LYS A 390 -20.71 14.55 7.81
C LYS A 390 -19.25 14.93 8.05
N MET A 391 -18.87 15.04 9.32
CA MET A 391 -17.53 15.55 9.66
C MET A 391 -16.93 14.89 10.91
N SER A 392 -15.62 15.03 11.05
CA SER A 392 -14.92 14.54 12.23
C SER A 392 -13.68 15.39 12.49
N VAL A 393 -13.38 15.65 13.77
CA VAL A 393 -12.25 16.47 14.14
C VAL A 393 -11.20 15.69 14.91
N TYR A 394 -11.25 14.36 14.79
CA TYR A 394 -10.33 13.48 15.49
C TYR A 394 -8.87 13.78 15.11
N GLY A 395 -8.05 14.06 16.11
CA GLY A 395 -6.64 14.30 15.89
C GLY A 395 -6.30 15.75 15.58
N LEU A 396 -7.31 16.57 15.36
CA LEU A 396 -7.10 17.99 15.12
C LEU A 396 -6.67 18.66 16.42
N GLU A 397 -5.77 19.64 16.30
CA GLU A 397 -5.37 20.46 17.44
C GLU A 397 -6.58 21.25 17.91
N TRP A 398 -6.64 21.57 19.20
CA TRP A 398 -7.77 22.28 19.76
C TRP A 398 -7.97 23.65 19.10
N GLU A 399 -6.87 24.32 18.78
CA GLU A 399 -6.91 25.60 18.08
C GLU A 399 -7.56 25.41 16.71
N GLN A 400 -7.30 24.26 16.09
CA GLN A 400 -7.88 23.94 14.79
C GLN A 400 -9.37 23.61 14.92
N VAL A 401 -9.74 22.96 16.01
CA VAL A 401 -11.15 22.67 16.28
C VAL A 401 -11.92 23.97 16.42
N GLU A 402 -11.37 24.90 17.22
CA GLU A 402 -11.95 26.22 17.38
C GLU A 402 -12.07 26.93 16.04
N TYR A 403 -11.00 26.84 15.25
CA TYR A 403 -10.98 27.45 13.93
C TYR A 403 -12.10 26.92 13.04
N VAL A 404 -12.30 25.61 13.07
CA VAL A 404 -13.35 24.98 12.26
C VAL A 404 -14.74 25.43 12.70
N VAL A 405 -15.01 25.31 14.01
CA VAL A 405 -16.31 25.72 14.55
C VAL A 405 -16.64 27.17 14.22
N ASN A 406 -15.71 28.06 14.57
CA ASN A 406 -15.86 29.48 14.29
C ASN A 406 -16.03 29.77 12.81
N ALA A 407 -15.31 29.01 11.99
CA ALA A 407 -15.44 29.14 10.53
C ALA A 407 -16.86 28.85 10.10
N ILE A 408 -17.40 27.71 10.54
CA ILE A 408 -18.77 27.32 10.21
C ILE A 408 -19.79 28.36 10.66
N LYS A 409 -19.66 28.80 11.92
CA LYS A 409 -20.53 29.84 12.47
C LYS A 409 -20.50 31.09 11.60
N GLU A 410 -19.30 31.52 11.22
CA GLU A 410 -19.14 32.68 10.36
C GLU A 410 -19.77 32.46 8.99
N ILE A 411 -19.71 31.22 8.50
CA ILE A 411 -20.31 30.86 7.22
C ILE A 411 -21.81 31.06 7.25
N VAL A 412 -22.47 30.45 8.24
CA VAL A 412 -23.93 30.56 8.32
C VAL A 412 -24.38 31.98 8.69
N GLU A 413 -23.53 32.71 9.40
CA GLU A 413 -23.87 34.06 9.84
C GLU A 413 -23.75 35.07 8.70
N SER A 414 -22.73 34.91 7.87
CA SER A 414 -22.46 35.85 6.79
C SER A 414 -23.36 35.63 5.58
N CYS A 415 -23.69 34.38 5.30
CA CYS A 415 -24.50 34.03 4.14
C CYS A 415 -26.00 34.13 4.44
N LYS A 416 -26.33 34.71 5.59
CA LYS A 416 -27.72 34.91 6.00
C LYS A 416 -28.52 33.61 6.01
N ASP B 37 3.00 -5.30 29.12
CA ASP B 37 2.82 -6.59 28.47
C ASP B 37 3.28 -6.55 27.01
N ILE B 38 3.35 -5.34 26.45
CA ILE B 38 3.79 -5.15 25.08
C ILE B 38 4.98 -4.19 25.02
N ASN B 39 6.07 -4.64 24.41
CA ASN B 39 7.26 -3.82 24.27
C ASN B 39 7.23 -3.01 22.98
N LEU B 40 7.29 -1.69 23.11
CA LEU B 40 7.18 -0.78 21.97
C LEU B 40 8.54 -0.33 21.44
N ASP B 41 9.61 -0.81 22.06
CA ASP B 41 10.96 -0.41 21.67
C ASP B 41 11.32 -0.90 20.28
N LYS B 42 10.81 -2.07 19.92
CA LYS B 42 11.12 -2.67 18.61
C LYS B 42 10.49 -1.89 17.46
N TYR B 43 9.66 -0.91 17.77
CA TYR B 43 9.00 -0.09 16.75
C TYR B 43 9.53 1.34 16.76
N LYS B 44 10.43 1.62 17.71
CA LYS B 44 10.99 2.96 17.83
C LYS B 44 12.02 3.23 16.74
N ASN B 45 13.12 2.48 16.78
CA ASN B 45 14.18 2.62 15.79
C ASN B 45 13.93 1.75 14.55
N LEU B 46 12.68 1.74 14.09
CA LEU B 46 12.33 1.03 12.87
C LEU B 46 12.91 1.79 11.69
N THR B 47 13.16 3.08 11.90
CA THR B 47 13.76 3.94 10.88
C THR B 47 15.22 3.59 10.65
N ARG B 48 15.47 2.43 10.05
CA ARG B 48 16.82 1.98 9.77
C ARG B 48 16.83 0.96 8.64
N SER B 49 17.53 1.29 7.56
CA SER B 49 17.65 0.38 6.42
C SER B 49 18.87 0.73 5.57
N LEU B 50 19.37 -0.26 4.83
CA LEU B 50 20.55 -0.07 3.99
C LEU B 50 20.16 0.17 2.53
N THR B 51 18.99 0.78 2.34
CA THR B 51 18.46 1.02 0.99
C THR B 51 19.32 1.96 0.16
N ARG B 52 19.96 2.91 0.82
CA ARG B 52 20.81 3.88 0.13
C ARG B 52 22.29 3.55 0.29
N GLU B 53 22.62 2.86 1.37
CA GLU B 53 24.00 2.55 1.71
C GLU B 53 24.51 1.30 1.00
N PHE B 54 23.58 0.52 0.43
CA PHE B 54 23.95 -0.73 -0.22
C PHE B 54 23.34 -0.86 -1.62
N ILE B 55 23.94 -1.72 -2.44
CA ILE B 55 23.39 -2.06 -3.74
C ILE B 55 22.62 -3.38 -3.63
N ASN B 56 21.32 -3.31 -3.82
CA ASN B 56 20.46 -4.49 -3.71
C ASN B 56 20.38 -5.25 -5.03
N LEU B 57 20.78 -6.51 -5.00
CA LEU B 57 20.78 -7.34 -6.21
C LEU B 57 19.59 -8.28 -6.28
N ASN B 58 18.68 -8.16 -5.31
CA ASN B 58 17.48 -8.98 -5.29
C ASN B 58 16.57 -8.67 -6.48
N PRO B 59 16.37 -9.66 -7.35
CA PRO B 59 15.59 -9.52 -8.59
C PRO B 59 14.14 -9.08 -8.36
N ILE B 60 13.57 -9.42 -7.20
CA ILE B 60 12.19 -9.08 -6.90
C ILE B 60 12.04 -7.62 -6.48
N GLN B 61 13.16 -6.92 -6.32
CA GLN B 61 13.13 -5.55 -5.85
C GLN B 61 13.80 -4.57 -6.83
N ARG B 62 14.40 -5.12 -7.87
CA ARG B 62 15.06 -4.29 -8.88
C ARG B 62 14.07 -3.43 -9.65
N GLY B 63 12.99 -4.04 -10.12
CA GLY B 63 12.02 -3.35 -10.95
C GLY B 63 10.99 -2.55 -10.18
N GLY B 64 11.11 -2.54 -8.85
CA GLY B 64 10.16 -1.85 -8.00
C GLY B 64 10.68 -0.58 -7.38
N ILE B 65 11.93 -0.22 -7.71
CA ILE B 65 12.55 0.97 -7.14
C ILE B 65 11.87 2.26 -7.61
N LEU B 66 11.48 3.10 -6.66
CA LEU B 66 10.76 4.33 -6.96
C LEU B 66 11.64 5.41 -7.58
N PRO B 67 11.14 6.03 -8.66
CA PRO B 67 11.77 7.23 -9.24
C PRO B 67 11.45 8.44 -8.39
N LYS B 68 12.20 9.53 -8.56
CA LYS B 68 12.02 10.71 -7.71
C LYS B 68 10.62 11.33 -7.82
N GLU B 69 10.01 11.20 -8.99
CA GLU B 69 8.66 11.72 -9.20
C GLU B 69 7.68 11.01 -8.27
N ALA B 70 7.83 9.69 -8.16
CA ALA B 70 6.98 8.88 -7.30
C ALA B 70 7.23 9.19 -5.82
N LYS B 71 8.47 9.57 -5.50
CA LYS B 71 8.82 9.94 -4.14
C LYS B 71 8.15 11.26 -3.74
N LYS B 72 8.22 12.23 -4.66
CA LYS B 72 7.54 13.50 -4.45
C LYS B 72 6.04 13.28 -4.33
N ALA B 73 5.52 12.37 -5.15
CA ALA B 73 4.12 11.99 -5.10
C ALA B 73 3.76 11.40 -3.74
N VAL B 74 4.67 10.58 -3.20
CA VAL B 74 4.48 10.01 -1.87
C VAL B 74 4.43 11.13 -0.83
N TYR B 75 5.31 12.11 -0.99
CA TYR B 75 5.30 13.27 -0.09
C TYR B 75 3.96 13.97 -0.11
N GLU B 76 3.46 14.27 -1.31
CA GLU B 76 2.19 14.98 -1.45
C GLU B 76 1.01 14.24 -0.83
N TYR B 77 1.11 12.92 -0.72
CA TYR B 77 0.03 12.12 -0.17
C TYR B 77 0.47 11.38 1.08
N TRP B 78 1.32 12.02 1.88
CA TRP B 78 1.90 11.40 3.07
C TRP B 78 0.86 11.05 4.12
N ASP B 79 0.03 12.01 4.49
CA ASP B 79 -1.00 11.83 5.51
C ASP B 79 -1.89 10.60 5.24
N GLY B 80 -2.12 10.31 3.96
CA GLY B 80 -2.86 9.12 3.59
C GLY B 80 -4.20 9.44 2.96
N TYR B 81 -4.37 10.67 2.51
CA TYR B 81 -5.61 11.07 1.84
C TYR B 81 -5.48 10.88 0.33
N SER B 82 -5.65 9.64 -0.12
CA SER B 82 -5.52 9.32 -1.53
C SER B 82 -6.69 8.46 -2.00
N VAL B 83 -7.91 8.94 -1.74
CA VAL B 83 -9.12 8.21 -2.08
C VAL B 83 -9.36 8.18 -3.59
N CYS B 84 -9.00 7.07 -4.21
CA CYS B 84 -9.18 6.91 -5.65
C CYS B 84 -10.45 6.11 -5.95
N ASP B 85 -11.46 6.81 -6.44
CA ASP B 85 -12.74 6.17 -6.73
C ASP B 85 -12.90 5.90 -8.22
N THR B 95 -8.80 14.59 -4.78
CA THR B 95 -8.33 13.81 -3.65
C THR B 95 -7.42 12.67 -4.13
N CYS B 96 -7.28 12.55 -5.44
CA CYS B 96 -6.54 11.45 -6.04
C CYS B 96 -6.26 11.73 -7.51
N PRO B 97 -5.08 11.28 -7.99
CA PRO B 97 -4.73 11.34 -9.42
C PRO B 97 -5.79 10.67 -10.30
N PRO B 98 -5.84 11.02 -11.60
CA PRO B 98 -6.85 10.46 -12.51
C PRO B 98 -6.77 8.94 -12.62
N ILE B 99 -7.60 8.25 -11.84
CA ILE B 99 -7.55 6.79 -11.79
C ILE B 99 -8.23 6.12 -12.98
N LYS B 100 -9.35 6.67 -13.42
CA LYS B 100 -10.09 6.13 -14.56
C LYS B 100 -9.27 6.27 -15.83
N ASP B 101 -8.73 7.47 -16.04
CA ASP B 101 -7.86 7.74 -17.16
C ASP B 101 -6.62 6.85 -17.10
N PHE B 102 -6.17 6.55 -15.89
CA PHE B 102 -5.03 5.66 -15.71
C PHE B 102 -5.39 4.22 -16.09
N LEU B 103 -6.64 3.85 -15.88
CA LEU B 103 -7.10 2.51 -16.25
C LEU B 103 -7.22 2.39 -17.77
N GLU B 104 -7.71 3.44 -18.41
CA GLU B 104 -7.76 3.47 -19.87
C GLU B 104 -6.35 3.41 -20.46
N ASP B 105 -5.47 4.25 -19.92
CA ASP B 105 -4.10 4.34 -20.42
C ASP B 105 -3.32 3.05 -20.20
N ILE B 106 -3.53 2.40 -19.06
CA ILE B 106 -2.86 1.14 -18.78
C ILE B 106 -3.46 0.04 -19.65
N ALA B 107 -4.72 0.19 -20.02
CA ALA B 107 -5.36 -0.75 -20.93
C ALA B 107 -4.73 -0.64 -22.32
N LYS B 108 -4.44 0.60 -22.74
CA LYS B 108 -3.78 0.83 -24.02
C LYS B 108 -2.34 0.35 -23.98
N PHE B 109 -1.69 0.52 -22.82
CA PHE B 109 -0.28 0.20 -22.65
C PHE B 109 -0.01 -1.29 -22.81
N LEU B 110 -1.01 -2.11 -22.52
CA LEU B 110 -0.88 -3.55 -22.68
C LEU B 110 -1.61 -4.02 -23.93
N ASN B 111 -2.21 -3.07 -24.64
CA ASN B 111 -3.10 -3.36 -25.76
C ASN B 111 -4.19 -4.34 -25.33
N MET B 112 -4.92 -3.98 -24.28
CA MET B 112 -5.99 -4.80 -23.75
C MET B 112 -7.29 -4.02 -23.76
N ASP B 113 -8.41 -4.74 -23.70
CA ASP B 113 -9.72 -4.10 -23.71
C ASP B 113 -9.97 -3.25 -22.46
N CYS B 114 -9.93 -3.90 -21.30
CA CYS B 114 -10.18 -3.22 -20.04
C CYS B 114 -9.09 -3.54 -19.01
N ALA B 115 -9.08 -2.80 -17.91
CA ALA B 115 -8.10 -3.00 -16.86
C ALA B 115 -8.63 -2.51 -15.51
N ARG B 116 -8.13 -3.12 -14.43
CA ARG B 116 -8.55 -2.76 -13.09
C ARG B 116 -7.38 -2.85 -12.11
N PRO B 117 -7.37 -2.01 -11.08
CA PRO B 117 -6.28 -2.05 -10.09
C PRO B 117 -6.45 -3.21 -9.12
N THR B 118 -5.34 -3.79 -8.67
CA THR B 118 -5.36 -4.85 -7.67
C THR B 118 -4.27 -4.60 -6.63
N HIS B 119 -4.07 -5.57 -5.75
CA HIS B 119 -3.02 -5.49 -4.75
C HIS B 119 -1.83 -6.36 -5.15
N GLY B 120 -1.74 -6.67 -6.44
CA GLY B 120 -0.65 -7.48 -6.96
C GLY B 120 -1.12 -8.55 -7.93
N ALA B 121 -0.17 -9.28 -8.51
CA ALA B 121 -0.49 -10.36 -9.44
C ALA B 121 -1.24 -11.49 -8.75
N ARG B 122 -0.93 -11.67 -7.47
CA ARG B 122 -1.62 -12.62 -6.60
C ARG B 122 -3.13 -12.39 -6.69
N GLU B 123 -3.53 -11.19 -6.28
CA GLU B 123 -4.93 -10.79 -6.28
C GLU B 123 -5.58 -10.99 -7.63
N GLY B 124 -4.90 -10.59 -8.70
CA GLY B 124 -5.42 -10.74 -10.05
C GLY B 124 -5.70 -12.19 -10.43
N LYS B 125 -4.71 -13.05 -10.17
CA LYS B 125 -4.84 -14.48 -10.42
C LYS B 125 -6.05 -15.02 -9.68
N PHE B 126 -6.18 -14.67 -8.40
CA PHE B 126 -7.33 -15.15 -7.64
C PHE B 126 -8.64 -14.59 -8.19
N ILE B 127 -8.62 -13.35 -8.67
CA ILE B 127 -9.80 -12.73 -9.25
C ILE B 127 -10.29 -13.55 -10.44
N VAL B 128 -9.41 -13.77 -11.41
CA VAL B 128 -9.79 -14.49 -12.62
C VAL B 128 -10.14 -15.95 -12.32
N MET B 129 -9.45 -16.57 -11.36
CA MET B 129 -9.75 -17.95 -11.00
C MET B 129 -11.07 -18.09 -10.25
N HIS B 130 -11.49 -17.02 -9.58
CA HIS B 130 -12.70 -17.05 -8.75
C HIS B 130 -13.94 -16.61 -9.53
N ALA B 131 -13.73 -15.78 -10.54
CA ALA B 131 -14.85 -15.20 -11.28
C ALA B 131 -15.17 -15.94 -12.58
N ILE B 132 -14.17 -16.63 -13.13
CA ILE B 132 -14.32 -17.28 -14.43
C ILE B 132 -14.49 -18.80 -14.32
N CYS B 133 -13.68 -19.42 -13.46
CA CYS B 133 -13.71 -20.87 -13.32
C CYS B 133 -14.76 -21.33 -12.31
N LYS B 134 -15.17 -22.58 -12.42
CA LYS B 134 -16.10 -23.19 -11.48
C LYS B 134 -15.36 -24.12 -10.53
N GLU B 135 -15.86 -24.22 -9.30
CA GLU B 135 -15.24 -25.04 -8.26
C GLU B 135 -15.04 -26.48 -8.72
N GLY B 136 -13.77 -26.87 -8.91
CA GLY B 136 -13.45 -28.22 -9.33
C GLY B 136 -12.79 -28.25 -10.70
N ASP B 137 -12.86 -27.13 -11.41
CA ASP B 137 -12.23 -27.02 -12.72
C ASP B 137 -10.72 -27.15 -12.65
N TYR B 138 -10.08 -27.31 -13.80
CA TYR B 138 -8.64 -27.45 -13.84
C TYR B 138 -7.93 -26.23 -14.43
N VAL B 139 -6.85 -25.83 -13.77
CA VAL B 139 -5.95 -24.81 -14.26
C VAL B 139 -4.66 -25.47 -14.71
N VAL B 140 -4.37 -25.37 -16.00
CA VAL B 140 -3.15 -25.94 -16.55
C VAL B 140 -2.06 -24.88 -16.69
N LEU B 141 -1.07 -24.95 -15.80
CA LEU B 141 0.03 -24.00 -15.79
C LEU B 141 1.36 -24.67 -16.10
N ASP B 142 2.40 -23.88 -16.36
CA ASP B 142 3.72 -24.40 -16.62
C ASP B 142 4.39 -24.84 -15.33
N LYS B 143 5.41 -25.69 -15.45
CA LYS B 143 6.10 -26.22 -14.28
C LYS B 143 6.91 -25.14 -13.56
N ASN B 144 7.26 -24.08 -14.29
CA ASN B 144 8.00 -22.97 -13.71
C ASN B 144 7.10 -21.90 -13.10
N ALA B 145 5.85 -22.26 -12.81
CA ALA B 145 4.88 -21.32 -12.28
C ALA B 145 5.25 -20.84 -10.88
N HIS B 146 4.88 -19.61 -10.57
CA HIS B 146 5.11 -19.03 -9.25
C HIS B 146 4.19 -19.71 -8.24
N TYR B 147 4.58 -19.71 -6.97
CA TYR B 147 3.81 -20.41 -5.94
C TYR B 147 2.42 -19.80 -5.75
N THR B 148 2.33 -18.49 -5.98
CA THR B 148 1.08 -17.77 -5.83
C THR B 148 0.01 -18.26 -6.80
N SER B 149 0.44 -18.86 -7.91
CA SER B 149 -0.49 -19.44 -8.87
C SER B 149 -1.14 -20.68 -8.28
N TYR B 150 -0.32 -21.56 -7.71
CA TYR B 150 -0.81 -22.77 -7.07
C TYR B 150 -1.71 -22.44 -5.88
N VAL B 151 -1.27 -21.48 -5.06
CA VAL B 151 -2.04 -21.07 -3.89
C VAL B 151 -3.36 -20.41 -4.28
N ALA B 152 -3.33 -19.58 -5.32
CA ALA B 152 -4.56 -18.95 -5.80
C ALA B 152 -5.52 -19.99 -6.37
N ALA B 153 -4.97 -20.99 -7.03
CA ALA B 153 -5.77 -22.09 -7.56
C ALA B 153 -6.42 -22.86 -6.42
N GLU B 154 -5.66 -23.06 -5.35
CA GLU B 154 -6.16 -23.81 -4.20
C GLU B 154 -7.19 -23.02 -3.40
N ARG B 155 -7.10 -21.69 -3.46
CA ARG B 155 -8.04 -20.83 -2.77
C ARG B 155 -9.34 -20.71 -3.57
N ALA B 156 -9.22 -20.85 -4.88
CA ALA B 156 -10.39 -20.81 -5.76
C ALA B 156 -11.03 -22.20 -5.86
N LYS B 157 -10.52 -23.13 -5.05
CA LYS B 157 -11.00 -24.51 -5.04
C LYS B 157 -10.89 -25.15 -6.41
N LEU B 158 -9.74 -25.01 -7.04
CA LEU B 158 -9.48 -25.56 -8.36
C LEU B 158 -8.35 -26.57 -8.30
N ASN B 159 -8.23 -27.39 -9.34
CA ASN B 159 -7.15 -28.35 -9.44
C ASN B 159 -6.05 -27.84 -10.37
N VAL B 160 -4.88 -28.44 -10.30
CA VAL B 160 -3.73 -27.94 -11.07
C VAL B 160 -3.07 -29.02 -11.93
N ALA B 161 -2.85 -28.70 -13.20
CA ALA B 161 -2.12 -29.58 -14.10
C ALA B 161 -0.86 -28.88 -14.59
N GLU B 162 0.28 -29.58 -14.51
CA GLU B 162 1.56 -28.97 -14.86
C GLU B 162 2.07 -29.39 -16.24
N VAL B 163 2.55 -28.43 -17.01
CA VAL B 163 3.15 -28.69 -18.31
C VAL B 163 4.65 -28.90 -18.16
N GLY B 164 5.14 -30.01 -18.72
CA GLY B 164 6.54 -30.39 -18.57
C GLY B 164 7.54 -29.50 -19.28
N TYR B 165 8.80 -29.91 -19.25
CA TYR B 165 9.87 -29.14 -19.87
C TYR B 165 10.18 -29.61 -21.28
N GLU B 166 10.79 -28.72 -22.06
CA GLU B 166 11.33 -29.07 -23.36
C GLU B 166 12.74 -29.59 -23.15
N GLU B 167 13.42 -28.97 -22.19
CA GLU B 167 14.72 -29.43 -21.72
C GLU B 167 14.87 -29.04 -20.26
N GLU B 168 15.35 -29.95 -19.43
CA GLU B 168 15.57 -29.64 -18.02
C GLU B 168 16.88 -28.87 -17.84
N TYR B 169 17.80 -29.44 -17.07
CA TYR B 169 19.10 -28.81 -16.84
C TYR B 169 19.87 -28.66 -18.15
N PRO B 170 20.52 -27.49 -18.35
CA PRO B 170 20.49 -26.34 -17.44
C PRO B 170 19.51 -25.28 -17.91
N THR B 171 18.81 -25.55 -19.01
CA THR B 171 17.92 -24.58 -19.62
C THR B 171 16.63 -24.40 -18.84
N TYR B 172 16.02 -25.52 -18.45
CA TYR B 172 14.73 -25.53 -17.75
C TYR B 172 13.67 -24.77 -18.53
N LYS B 173 13.63 -25.01 -19.84
CA LYS B 173 12.65 -24.37 -20.72
C LYS B 173 11.36 -25.16 -20.74
N ILE B 174 10.23 -24.46 -20.80
CA ILE B 174 8.92 -25.10 -20.82
C ILE B 174 8.50 -25.48 -22.23
N ASN B 175 8.03 -26.71 -22.39
CA ASN B 175 7.51 -27.19 -23.67
C ASN B 175 6.10 -26.62 -23.91
N LEU B 176 6.04 -25.48 -24.58
CA LEU B 176 4.80 -24.75 -24.76
C LEU B 176 3.74 -25.53 -25.52
N GLU B 177 4.15 -26.29 -26.53
CA GLU B 177 3.23 -27.13 -27.30
C GLU B 177 2.60 -28.17 -26.38
N GLY B 178 3.38 -28.62 -25.39
CA GLY B 178 2.97 -29.62 -24.44
C GLY B 178 1.64 -29.29 -23.76
N TYR B 179 1.35 -28.00 -23.64
CA TYR B 179 0.07 -27.53 -23.11
C TYR B 179 -1.08 -28.30 -23.74
N LYS B 180 -1.08 -28.38 -25.07
CA LYS B 180 -2.12 -29.10 -25.79
C LYS B 180 -2.24 -30.53 -25.26
N GLU B 181 -1.10 -31.22 -25.22
CA GLU B 181 -1.03 -32.59 -24.76
C GLU B 181 -1.57 -32.74 -23.34
N VAL B 182 -1.47 -31.68 -22.55
CA VAL B 182 -1.93 -31.73 -21.17
C VAL B 182 -3.45 -31.54 -21.10
N ILE B 183 -3.98 -30.71 -22.01
CA ILE B 183 -5.42 -30.44 -22.01
C ILE B 183 -6.21 -31.65 -22.50
N ASP B 184 -5.81 -32.18 -23.65
CA ASP B 184 -6.45 -33.36 -24.22
C ASP B 184 -6.47 -34.51 -23.23
N ASN B 185 -5.32 -34.80 -22.63
CA ASN B 185 -5.19 -35.84 -21.63
C ASN B 185 -6.16 -35.65 -20.47
N LEU B 186 -6.48 -34.38 -20.17
CA LEU B 186 -7.42 -34.07 -19.11
C LEU B 186 -8.86 -34.21 -19.60
N GLU B 187 -9.09 -33.91 -20.87
CA GLU B 187 -10.44 -33.98 -21.45
C GLU B 187 -10.86 -35.41 -21.72
N ASP B 188 -9.89 -36.27 -22.02
CA ASP B 188 -10.17 -37.67 -22.33
C ASP B 188 -10.30 -38.50 -21.05
N LYS B 189 -9.93 -37.90 -19.93
CA LYS B 189 -9.94 -38.60 -18.64
C LYS B 189 -11.30 -38.86 -17.94
N GLY B 190 -12.24 -37.91 -17.92
CA GLY B 190 -12.13 -36.61 -18.55
C GLY B 190 -12.64 -35.45 -17.71
N LYS B 191 -11.72 -34.67 -17.19
CA LYS B 191 -12.08 -33.47 -16.43
C LYS B 191 -12.29 -32.31 -17.40
N ASN B 192 -12.58 -31.12 -16.85
CA ASN B 192 -12.73 -29.94 -17.68
C ASN B 192 -11.76 -28.83 -17.28
N VAL B 193 -11.16 -28.19 -18.27
CA VAL B 193 -10.18 -27.14 -18.03
C VAL B 193 -10.82 -25.76 -18.07
N GLY B 194 -10.76 -25.05 -16.95
CA GLY B 194 -11.37 -23.74 -16.84
C GLY B 194 -10.44 -22.60 -17.21
N LEU B 195 -9.14 -22.83 -17.03
CA LEU B 195 -8.16 -21.77 -17.27
C LEU B 195 -6.79 -22.32 -17.68
N ILE B 196 -6.14 -21.62 -18.60
CA ILE B 196 -4.79 -21.95 -19.02
C ILE B 196 -3.83 -20.83 -18.60
N LEU B 197 -2.99 -21.11 -17.62
CA LEU B 197 -2.08 -20.10 -17.09
C LEU B 197 -0.68 -20.30 -17.63
N LEU B 198 -0.04 -19.20 -18.02
CA LEU B 198 1.37 -19.23 -18.40
C LEU B 198 2.15 -18.10 -17.73
N THR B 199 3.10 -18.45 -16.87
CA THR B 199 4.00 -17.45 -16.31
C THR B 199 4.95 -16.99 -17.40
N HIS B 200 4.79 -15.74 -17.82
CA HIS B 200 5.55 -15.19 -18.94
C HIS B 200 7.05 -15.27 -18.68
N VAL B 201 7.46 -14.89 -17.49
CA VAL B 201 8.84 -15.05 -17.05
C VAL B 201 8.85 -15.64 -15.65
N ASP B 202 9.53 -16.76 -15.47
CA ASP B 202 9.57 -17.43 -14.17
C ASP B 202 10.54 -16.72 -13.23
N GLY B 203 10.25 -16.79 -11.93
CA GLY B 203 11.05 -16.11 -10.94
C GLY B 203 12.24 -16.93 -10.45
N GLU B 204 12.53 -18.03 -11.16
CA GLU B 204 13.62 -18.91 -10.76
C GLU B 204 14.77 -18.86 -11.75
N TYR B 205 14.46 -18.93 -13.04
CA TYR B 205 15.49 -18.94 -14.07
C TYR B 205 15.40 -17.71 -14.96
N GLY B 206 14.25 -17.04 -14.93
CA GLY B 206 14.04 -15.83 -15.71
C GLY B 206 13.98 -16.10 -17.20
N ASN B 207 13.36 -17.21 -17.58
CA ASN B 207 13.22 -17.56 -18.99
C ASN B 207 11.99 -16.94 -19.63
N LEU B 208 12.20 -16.28 -20.77
CA LEU B 208 11.09 -15.68 -21.51
C LEU B 208 10.42 -16.73 -22.40
N ASN B 209 9.11 -16.70 -22.46
CA ASN B 209 8.36 -17.68 -23.24
C ASN B 209 7.49 -17.04 -24.30
N ASP B 210 7.46 -17.66 -25.48
CA ASP B 210 6.63 -17.19 -26.58
C ASP B 210 5.16 -17.47 -26.28
N ALA B 211 4.52 -16.53 -25.61
CA ALA B 211 3.14 -16.69 -25.14
C ALA B 211 2.13 -16.88 -26.26
N LYS B 212 2.51 -16.46 -27.46
CA LYS B 212 1.61 -16.52 -28.62
C LYS B 212 1.22 -17.97 -28.94
N LYS B 213 2.12 -18.90 -28.66
CA LYS B 213 1.86 -20.32 -28.88
C LYS B 213 0.72 -20.80 -27.98
N VAL B 214 0.90 -20.61 -26.67
CA VAL B 214 -0.09 -21.05 -25.69
C VAL B 214 -1.42 -20.32 -25.91
N GLY B 215 -1.34 -19.07 -26.33
CA GLY B 215 -2.53 -18.30 -26.66
C GLY B 215 -3.24 -18.89 -27.86
N LYS B 216 -2.46 -19.37 -28.82
CA LYS B 216 -3.00 -19.98 -30.02
C LYS B 216 -3.71 -21.30 -29.70
N ILE B 217 -3.06 -22.11 -28.86
CA ILE B 217 -3.67 -23.35 -28.39
C ILE B 217 -4.97 -23.06 -27.64
N ALA B 218 -4.92 -22.06 -26.77
CA ALA B 218 -6.09 -21.66 -25.98
C ALA B 218 -7.25 -21.22 -26.87
N LYS B 219 -6.94 -20.43 -27.90
CA LYS B 219 -7.98 -19.97 -28.82
C LYS B 219 -8.54 -21.11 -29.65
N GLU B 220 -7.67 -22.05 -30.03
CA GLU B 220 -8.11 -23.22 -30.78
C GLU B 220 -9.02 -24.10 -29.93
N LYS B 221 -8.77 -24.13 -28.62
CA LYS B 221 -9.58 -24.96 -27.72
C LYS B 221 -10.67 -24.17 -27.01
N GLY B 222 -10.71 -22.85 -27.26
CA GLY B 222 -11.74 -22.00 -26.69
C GLY B 222 -11.70 -21.92 -25.18
N ILE B 223 -10.50 -22.01 -24.61
CA ILE B 223 -10.32 -21.95 -23.16
C ILE B 223 -9.63 -20.64 -22.79
N PRO B 224 -10.16 -19.94 -21.78
CA PRO B 224 -9.60 -18.67 -21.30
C PRO B 224 -8.11 -18.76 -20.98
N PHE B 225 -7.34 -17.79 -21.47
CA PHE B 225 -5.89 -17.80 -21.30
C PHE B 225 -5.39 -16.65 -20.43
N LEU B 226 -4.75 -17.00 -19.31
CA LEU B 226 -4.16 -16.01 -18.41
C LEU B 226 -2.64 -16.01 -18.52
N LEU B 227 -2.08 -14.82 -18.72
CA LEU B 227 -0.64 -14.65 -18.82
C LEU B 227 -0.13 -13.90 -17.59
N ASN B 228 0.70 -14.58 -16.80
CA ASN B 228 1.31 -13.96 -15.62
C ASN B 228 2.54 -13.14 -15.97
N CYS B 229 2.38 -11.82 -15.98
CA CYS B 229 3.44 -10.92 -16.40
C CYS B 229 4.00 -10.11 -15.23
N ALA B 230 4.16 -10.78 -14.09
CA ALA B 230 4.70 -10.13 -12.90
C ALA B 230 6.14 -9.68 -13.14
N TYR B 231 6.83 -10.38 -14.03
CA TYR B 231 8.20 -10.06 -14.38
C TYR B 231 8.32 -9.49 -15.78
N THR B 232 7.18 -9.26 -16.43
CA THR B 232 7.17 -8.78 -17.80
C THR B 232 6.66 -7.34 -17.93
N VAL B 233 5.39 -7.12 -17.58
CA VAL B 233 4.78 -5.79 -17.70
C VAL B 233 5.53 -4.75 -16.88
N GLY B 234 6.06 -3.75 -17.57
CA GLY B 234 6.78 -2.68 -16.91
C GLY B 234 8.28 -2.75 -17.11
N ARG B 235 8.77 -3.90 -17.56
CA ARG B 235 10.17 -4.07 -17.90
C ARG B 235 10.33 -4.04 -19.42
N MET B 236 9.58 -4.91 -20.10
CA MET B 236 9.61 -5.03 -21.54
C MET B 236 8.24 -4.68 -22.12
N PRO B 237 8.20 -4.34 -23.41
CA PRO B 237 6.90 -4.12 -24.05
C PRO B 237 6.12 -5.42 -24.18
N VAL B 238 4.83 -5.36 -23.89
CA VAL B 238 3.97 -6.54 -23.98
C VAL B 238 2.63 -6.21 -24.62
N ASN B 239 2.24 -7.02 -25.61
CA ASN B 239 0.99 -6.82 -26.32
C ASN B 239 0.02 -7.96 -26.02
N GLY B 240 -1.01 -7.66 -25.23
CA GLY B 240 -1.96 -8.66 -24.79
C GLY B 240 -2.73 -9.34 -25.91
N LYS B 241 -3.19 -8.55 -26.88
CA LYS B 241 -3.95 -9.08 -28.00
C LYS B 241 -3.08 -9.88 -28.97
N GLU B 242 -1.83 -9.43 -29.12
CA GLU B 242 -0.91 -10.06 -30.07
C GLU B 242 -0.51 -11.46 -29.62
N VAL B 243 -0.52 -11.68 -28.31
CA VAL B 243 -0.21 -13.00 -27.76
C VAL B 243 -1.48 -13.78 -27.50
N LYS B 244 -2.60 -13.23 -27.94
CA LYS B 244 -3.91 -13.85 -27.80
C LYS B 244 -4.25 -14.21 -26.35
N ALA B 245 -3.93 -13.29 -25.44
CA ALA B 245 -4.23 -13.49 -24.03
C ALA B 245 -5.59 -12.90 -23.69
N ASP B 246 -6.34 -13.60 -22.85
CA ASP B 246 -7.65 -13.11 -22.40
C ASP B 246 -7.48 -12.33 -21.11
N PHE B 247 -6.47 -12.68 -20.34
CA PHE B 247 -6.16 -11.99 -19.09
C PHE B 247 -4.67 -11.76 -18.94
N ILE B 248 -4.31 -10.64 -18.32
CA ILE B 248 -2.92 -10.35 -17.98
C ILE B 248 -2.84 -9.77 -16.58
N VAL B 249 -2.03 -10.38 -15.74
CA VAL B 249 -1.77 -9.84 -14.40
C VAL B 249 -0.39 -9.22 -14.35
N ALA B 250 -0.26 -8.10 -13.63
CA ALA B 250 1.00 -7.39 -13.54
C ALA B 250 1.24 -6.93 -12.10
N SER B 251 2.51 -6.95 -11.68
CA SER B 251 2.86 -6.51 -10.34
C SER B 251 3.49 -5.12 -10.37
N GLY B 252 2.86 -4.18 -9.68
CA GLY B 252 3.37 -2.82 -9.64
C GLY B 252 4.64 -2.69 -8.83
N HIS B 253 4.73 -3.46 -7.75
CA HIS B 253 5.88 -3.39 -6.84
C HIS B 253 7.05 -4.24 -7.30
N1 LLP B 254 4.73 -14.47 -10.57
C2 LLP B 254 6.10 -14.28 -10.51
C2' LLP B 254 7.00 -14.98 -11.48
C3 LLP B 254 6.64 -13.43 -9.55
O3 LLP B 254 7.86 -13.27 -9.49
C4 LLP B 254 5.80 -12.78 -8.64
C4' LLP B 254 6.40 -11.86 -7.60
C5 LLP B 254 4.43 -12.97 -8.72
C6 LLP B 254 3.90 -13.83 -9.68
C5' LLP B 254 3.49 -12.29 -7.76
OP4 LLP B 254 3.69 -10.89 -7.42
P LLP B 254 2.69 -10.15 -6.41
OP1 LLP B 254 1.86 -11.25 -5.87
OP2 LLP B 254 3.58 -9.50 -5.42
OP3 LLP B 254 1.95 -9.23 -7.30
N LLP B 254 6.82 -5.10 -8.29
CA LLP B 254 7.88 -5.97 -8.78
CB LLP B 254 7.37 -7.41 -8.93
CG LLP B 254 8.38 -8.38 -9.53
CD LLP B 254 7.93 -9.83 -9.39
CE LLP B 254 8.07 -10.30 -7.95
NZ LLP B 254 7.71 -11.74 -7.80
C LLP B 254 8.48 -5.49 -10.10
O LLP B 254 9.68 -5.63 -10.33
N SER B 255 7.66 -4.89 -10.96
CA SER B 255 8.14 -4.49 -12.28
C SER B 255 7.54 -3.18 -12.82
N MET B 256 6.87 -2.41 -11.97
CA MET B 256 6.26 -1.16 -12.43
C MET B 256 6.62 0.06 -11.58
N ALA B 257 7.79 -0.01 -10.93
CA ALA B 257 8.33 1.11 -10.16
C ALA B 257 7.38 1.65 -9.09
N ALA B 258 6.48 0.80 -8.61
CA ALA B 258 5.56 1.18 -7.55
C ALA B 258 5.95 0.49 -6.25
N SER B 259 5.33 0.90 -5.14
CA SER B 259 5.62 0.32 -3.84
C SER B 259 4.38 -0.41 -3.32
N ALA B 260 4.52 -1.02 -2.14
CA ALA B 260 3.39 -1.60 -1.42
C ALA B 260 2.72 -2.75 -2.19
N PRO B 261 1.67 -3.37 -1.61
CA PRO B 261 0.89 -4.26 -2.48
C PRO B 261 0.22 -3.46 -3.59
N CYS B 262 0.53 -3.80 -4.83
CA CYS B 262 0.09 -3.01 -5.98
C CYS B 262 0.18 -3.81 -7.27
N GLY B 263 -0.89 -3.80 -8.06
CA GLY B 263 -0.91 -4.55 -9.30
C GLY B 263 -2.01 -4.17 -10.28
N ILE B 264 -1.97 -4.76 -11.46
CA ILE B 264 -2.95 -4.49 -12.52
C ILE B 264 -3.52 -5.80 -13.07
N LEU B 265 -4.84 -5.81 -13.29
CA LEU B 265 -5.51 -6.92 -13.95
C LEU B 265 -6.18 -6.43 -15.23
N ALA B 266 -5.58 -6.76 -16.37
CA ALA B 266 -6.14 -6.40 -17.66
C ALA B 266 -6.89 -7.59 -18.25
N PHE B 267 -7.98 -7.32 -18.95
CA PHE B 267 -8.82 -8.39 -19.48
C PHE B 267 -9.58 -7.96 -20.74
N SER B 268 -10.04 -8.94 -21.51
CA SER B 268 -10.78 -8.65 -22.72
C SER B 268 -12.25 -8.39 -22.41
N GLU B 269 -12.94 -7.77 -23.36
CA GLU B 269 -14.36 -7.46 -23.23
C GLU B 269 -15.18 -8.72 -22.96
N GLU B 270 -14.77 -9.81 -23.59
CA GLU B 270 -15.44 -11.11 -23.49
C GLU B 270 -15.74 -11.53 -22.05
N PHE B 271 -14.93 -11.06 -21.11
CA PHE B 271 -15.08 -11.45 -19.70
C PHE B 271 -15.37 -10.26 -18.80
N SER B 272 -15.50 -9.07 -19.39
CA SER B 272 -15.71 -7.85 -18.61
C SER B 272 -16.97 -7.90 -17.75
N ASP B 273 -17.99 -8.61 -18.23
CA ASP B 273 -19.23 -8.74 -17.48
C ASP B 273 -19.07 -9.66 -16.26
N LYS B 274 -18.09 -10.55 -16.32
CA LYS B 274 -17.85 -11.47 -15.22
C LYS B 274 -16.90 -10.88 -14.17
N ILE B 275 -15.82 -10.27 -14.64
CA ILE B 275 -14.82 -9.67 -13.76
C ILE B 275 -15.42 -8.46 -13.02
N THR B 276 -15.99 -7.54 -13.78
CA THR B 276 -16.54 -6.31 -13.21
C THR B 276 -18.01 -6.48 -12.82
N LYS B 277 -18.39 -7.70 -12.48
CA LYS B 277 -19.76 -7.98 -12.06
C LYS B 277 -20.11 -7.16 -10.82
N THR B 278 -21.14 -6.35 -10.92
CA THR B 278 -21.53 -5.48 -9.81
C THR B 278 -22.46 -6.22 -8.85
N SER B 279 -22.60 -5.69 -7.64
CA SER B 279 -23.37 -6.37 -6.59
C SER B 279 -24.86 -6.03 -6.67
N GLU B 280 -25.65 -6.83 -5.97
CA GLU B 280 -27.11 -6.65 -5.92
C GLU B 280 -27.46 -5.40 -5.13
N LYS B 281 -27.11 -5.41 -3.85
CA LYS B 281 -27.44 -4.32 -2.94
C LYS B 281 -26.83 -2.99 -3.38
N PHE B 282 -25.65 -3.06 -3.99
CA PHE B 282 -24.96 -1.86 -4.46
C PHE B 282 -24.54 -2.01 -5.92
N PRO B 283 -25.42 -1.58 -6.84
CA PRO B 283 -25.25 -1.73 -8.30
C PRO B 283 -24.06 -0.98 -8.90
N VAL B 284 -23.26 -0.31 -8.08
CA VAL B 284 -22.05 0.35 -8.57
C VAL B 284 -20.79 -0.26 -7.99
N LYS B 285 -20.95 -1.01 -6.90
CA LYS B 285 -19.82 -1.66 -6.24
C LYS B 285 -19.51 -3.00 -6.87
N GLU B 286 -18.33 -3.11 -7.48
CA GLU B 286 -17.91 -4.35 -8.12
C GLU B 286 -17.58 -5.43 -7.09
N ILE B 287 -18.15 -6.61 -7.28
CA ILE B 287 -18.02 -7.71 -6.34
C ILE B 287 -16.57 -8.15 -6.14
N GLU B 288 -15.90 -8.51 -7.23
CA GLU B 288 -14.54 -9.02 -7.17
C GLU B 288 -13.55 -7.95 -6.69
N MET B 289 -13.92 -6.69 -6.85
CA MET B 289 -13.07 -5.58 -6.43
C MET B 289 -13.38 -5.21 -4.99
N LEU B 290 -14.44 -5.79 -4.44
CA LEU B 290 -14.93 -5.47 -3.11
C LEU B 290 -15.23 -3.97 -2.95
N GLY B 291 -15.74 -3.36 -4.02
CA GLY B 291 -16.07 -1.95 -4.00
C GLY B 291 -15.13 -1.14 -4.86
N CYS B 292 -15.69 -0.40 -5.82
CA CYS B 292 -14.92 0.37 -6.77
C CYS B 292 -14.11 1.49 -6.13
N THR B 293 -13.16 1.13 -5.29
CA THR B 293 -12.28 2.09 -4.64
C THR B 293 -10.94 1.44 -4.31
N SER B 294 -9.86 2.06 -4.80
CA SER B 294 -8.51 1.57 -4.53
C SER B 294 -7.65 2.71 -4.04
N ARG B 295 -7.85 3.08 -2.77
CA ARG B 295 -7.12 4.21 -2.19
C ARG B 295 -5.82 3.78 -1.54
N GLY B 296 -4.87 4.70 -1.46
CA GLY B 296 -3.60 4.43 -0.81
C GLY B 296 -2.38 4.85 -1.59
N LEU B 297 -1.21 4.71 -0.97
CA LEU B 297 0.07 5.05 -1.58
C LEU B 297 0.50 4.22 -2.82
N PRO B 298 0.32 2.89 -2.80
CA PRO B 298 0.76 2.08 -3.94
C PRO B 298 0.18 2.52 -5.29
N ILE B 299 -1.12 2.79 -5.32
CA ILE B 299 -1.76 3.21 -6.57
C ILE B 299 -1.26 4.59 -7.01
N VAL B 300 -1.00 5.46 -6.03
CA VAL B 300 -0.47 6.80 -6.30
C VAL B 300 0.91 6.72 -6.93
N THR B 301 1.78 5.89 -6.35
CA THR B 301 3.12 5.68 -6.89
C THR B 301 3.05 5.01 -8.26
N LEU B 302 2.09 4.11 -8.42
CA LEU B 302 1.90 3.40 -9.67
C LEU B 302 1.51 4.37 -10.80
N MET B 303 0.71 5.36 -10.45
CA MET B 303 0.32 6.38 -11.42
C MET B 303 1.45 7.39 -11.66
N ALA B 304 2.21 7.70 -10.62
CA ALA B 304 3.30 8.67 -10.71
C ALA B 304 4.51 8.10 -11.44
N SER B 305 4.68 6.79 -11.36
CA SER B 305 5.82 6.13 -12.01
C SER B 305 5.47 5.70 -13.44
N PHE B 306 4.22 5.89 -13.83
CA PHE B 306 3.74 5.42 -15.14
C PHE B 306 4.51 5.96 -16.35
N PRO B 307 4.75 7.29 -16.42
CA PRO B 307 5.54 7.78 -17.56
C PRO B 307 6.95 7.20 -17.57
N HIS B 308 7.56 7.09 -16.40
CA HIS B 308 8.87 6.47 -16.24
C HIS B 308 8.86 5.04 -16.78
N VAL B 309 7.78 4.32 -16.47
CA VAL B 309 7.63 2.93 -16.90
C VAL B 309 7.47 2.81 -18.41
N VAL B 310 6.57 3.60 -18.98
CA VAL B 310 6.31 3.54 -20.42
C VAL B 310 7.49 4.10 -21.22
N GLU B 311 8.39 4.81 -20.54
CA GLU B 311 9.57 5.33 -21.22
C GLU B 311 10.76 4.41 -21.03
N ARG B 312 10.70 3.54 -20.01
CA ARG B 312 11.81 2.64 -19.73
C ARG B 312 11.65 1.27 -20.39
N VAL B 313 10.43 0.97 -20.86
CA VAL B 313 10.20 -0.26 -21.60
C VAL B 313 10.71 -0.13 -23.02
N LYS B 314 10.89 1.12 -23.46
CA LYS B 314 11.44 1.39 -24.78
C LYS B 314 12.96 1.26 -24.76
N LYS B 315 13.53 1.30 -23.56
CA LYS B 315 14.96 1.11 -23.37
C LYS B 315 15.26 -0.19 -22.63
N TRP B 316 14.57 -1.25 -23.04
CA TRP B 316 14.70 -2.56 -22.42
C TRP B 316 16.00 -3.26 -22.82
N ASP B 317 16.42 -3.00 -24.06
CA ASP B 317 17.63 -3.62 -24.62
C ASP B 317 18.90 -3.19 -23.89
N GLU B 318 18.87 -2.01 -23.27
CA GLU B 318 20.01 -1.53 -22.51
C GLU B 318 20.17 -2.33 -21.22
N GLU B 319 19.04 -2.61 -20.58
CA GLU B 319 19.04 -3.43 -19.37
C GLU B 319 19.45 -4.85 -19.71
N LEU B 320 18.97 -5.36 -20.84
CA LEU B 320 19.39 -6.66 -21.33
C LEU B 320 20.90 -6.66 -21.60
N LYS B 321 21.41 -5.51 -22.03
CA LYS B 321 22.84 -5.35 -22.29
C LYS B 321 23.64 -5.43 -21.00
N LYS B 322 23.15 -4.77 -19.96
CA LYS B 322 23.78 -4.83 -18.64
C LYS B 322 23.81 -6.28 -18.16
N THR B 323 22.66 -6.94 -18.25
CA THR B 323 22.52 -8.34 -17.86
C THR B 323 23.54 -9.24 -18.58
N ARG B 324 23.57 -9.16 -19.90
CA ARG B 324 24.47 -9.98 -20.70
C ARG B 324 25.94 -9.67 -20.39
N TYR B 325 26.23 -8.41 -20.08
CA TYR B 325 27.57 -8.04 -19.65
C TYR B 325 27.93 -8.79 -18.37
N VAL B 326 27.02 -8.77 -17.40
CA VAL B 326 27.23 -9.47 -16.15
C VAL B 326 27.46 -10.96 -16.35
N VAL B 327 26.62 -11.59 -17.18
CA VAL B 327 26.75 -13.00 -17.47
C VAL B 327 28.09 -13.34 -18.12
N ASP B 328 28.39 -12.68 -19.24
CA ASP B 328 29.62 -12.92 -19.98
C ASP B 328 30.86 -12.70 -19.12
N GLU B 329 30.81 -11.68 -18.27
CA GLU B 329 31.97 -11.34 -17.45
C GLU B 329 32.15 -12.29 -16.28
N LEU B 330 31.03 -12.74 -15.70
CA LEU B 330 31.10 -13.62 -14.54
C LEU B 330 31.34 -15.08 -14.92
N GLU B 331 31.08 -15.44 -16.18
CA GLU B 331 31.36 -16.79 -16.65
C GLU B 331 32.86 -17.07 -16.73
N LYS B 332 33.65 -16.00 -16.80
CA LYS B 332 35.11 -16.12 -16.84
C LYS B 332 35.65 -16.59 -15.50
N ILE B 333 34.92 -16.31 -14.43
CA ILE B 333 35.29 -16.74 -13.10
C ILE B 333 35.08 -18.24 -12.93
N GLY B 334 33.88 -18.70 -13.29
CA GLY B 334 33.52 -20.10 -13.13
C GLY B 334 32.03 -20.24 -12.91
N PHE B 335 31.32 -19.12 -13.00
CA PHE B 335 29.87 -19.12 -12.87
C PHE B 335 29.24 -19.62 -14.16
N LYS B 336 28.23 -20.47 -14.04
CA LYS B 336 27.51 -20.96 -15.21
C LYS B 336 26.07 -20.44 -15.20
N GLN B 337 25.69 -19.73 -16.25
CA GLN B 337 24.35 -19.17 -16.34
C GLN B 337 23.34 -20.26 -16.64
N LEU B 338 22.43 -20.51 -15.70
CA LEU B 338 21.33 -21.43 -15.93
C LEU B 338 20.22 -20.71 -16.68
N GLY B 339 19.27 -21.46 -17.22
CA GLY B 339 18.19 -20.89 -18.00
C GLY B 339 18.55 -20.77 -19.46
N ILE B 340 17.67 -20.13 -20.23
CA ILE B 340 17.86 -19.99 -21.67
C ILE B 340 19.01 -19.05 -22.02
N LYS B 341 19.90 -19.50 -22.90
CA LYS B 341 20.98 -18.67 -23.41
C LYS B 341 20.70 -18.22 -24.84
N PRO B 342 20.92 -16.92 -25.13
CA PRO B 342 21.38 -15.91 -24.16
C PRO B 342 20.21 -15.39 -23.32
N LYS B 343 20.52 -14.58 -22.31
CA LYS B 343 19.49 -14.07 -21.41
C LYS B 343 18.56 -13.11 -22.13
N GLU B 344 17.26 -13.26 -21.89
CA GLU B 344 16.26 -12.40 -22.49
C GLU B 344 15.45 -11.71 -21.40
N HIS B 345 16.01 -11.72 -20.19
CA HIS B 345 15.42 -11.04 -19.04
C HIS B 345 16.51 -10.72 -18.03
N ASP B 346 16.27 -9.72 -17.18
CA ASP B 346 17.29 -9.23 -16.26
C ASP B 346 17.57 -10.16 -15.09
N LEU B 347 16.67 -11.12 -14.88
CA LEU B 347 16.82 -12.08 -13.78
C LEU B 347 17.80 -13.19 -14.12
N ILE B 348 18.92 -13.22 -13.40
CA ILE B 348 19.98 -14.20 -13.64
C ILE B 348 20.09 -15.20 -12.51
N LYS B 349 20.19 -16.48 -12.87
CA LYS B 349 20.52 -17.52 -11.90
C LYS B 349 21.82 -18.22 -12.28
N PHE B 350 22.85 -18.01 -11.47
CA PHE B 350 24.15 -18.64 -11.69
C PHE B 350 24.32 -19.90 -10.85
N GLU B 351 24.85 -20.94 -11.48
CA GLU B 351 25.32 -22.10 -10.74
C GLU B 351 26.77 -21.86 -10.39
N THR B 352 27.08 -21.83 -9.10
CA THR B 352 28.39 -21.40 -8.63
C THR B 352 29.15 -22.48 -7.87
N PRO B 353 29.90 -23.32 -8.59
CA PRO B 353 30.72 -24.37 -7.97
C PRO B 353 31.88 -23.76 -7.18
N VAL B 354 32.44 -22.67 -7.71
CA VAL B 354 33.58 -22.01 -7.10
C VAL B 354 33.25 -21.56 -5.67
N LEU B 355 32.07 -20.99 -5.50
CA LEU B 355 31.63 -20.52 -4.18
C LEU B 355 31.49 -21.68 -3.20
N ASP B 356 31.10 -22.85 -3.70
CA ASP B 356 31.04 -24.05 -2.88
C ASP B 356 32.45 -24.46 -2.45
N GLU B 357 33.37 -24.47 -3.43
CA GLU B 357 34.75 -24.84 -3.17
C GLU B 357 35.38 -23.94 -2.11
N ILE B 358 35.15 -22.64 -2.23
CA ILE B 358 35.68 -21.69 -1.25
C ILE B 358 35.00 -21.85 0.10
N ALA B 359 33.70 -22.08 0.08
CA ALA B 359 32.93 -22.25 1.32
C ALA B 359 33.37 -23.49 2.09
N LYS B 360 33.88 -24.49 1.37
CA LYS B 360 34.36 -25.71 2.00
C LYS B 360 35.59 -25.47 2.87
N LYS B 361 36.46 -24.56 2.43
CA LYS B 361 37.71 -24.32 3.14
C LYS B 361 37.77 -22.93 3.79
N ASP B 362 36.61 -22.39 4.13
CA ASP B 362 36.54 -21.07 4.76
C ASP B 362 36.03 -21.16 6.19
N LYS B 363 36.42 -20.20 7.02
CA LYS B 363 36.06 -20.20 8.44
C LYS B 363 34.56 -20.04 8.68
N ARG B 364 33.97 -19.00 8.09
CA ARG B 364 32.53 -18.75 8.26
C ARG B 364 31.69 -19.58 7.28
N ARG B 365 32.32 -20.60 6.71
CA ARG B 365 31.65 -21.56 5.83
C ARG B 365 30.98 -20.94 4.61
N GLY B 366 29.68 -21.20 4.46
CA GLY B 366 28.94 -20.77 3.28
C GLY B 366 28.38 -19.37 3.38
N PHE B 367 28.59 -18.70 4.50
CA PHE B 367 28.09 -17.35 4.69
C PHE B 367 29.08 -16.30 4.19
N PHE B 368 30.32 -16.74 3.99
CA PHE B 368 31.42 -15.84 3.60
C PHE B 368 31.02 -14.89 2.48
N PHE B 369 30.42 -15.44 1.43
CA PHE B 369 30.00 -14.68 0.26
C PHE B 369 29.17 -13.49 0.70
N TYR B 370 28.10 -13.79 1.44
CA TYR B 370 27.24 -12.75 1.99
C TYR B 370 28.08 -11.72 2.72
N ASP B 371 28.89 -12.20 3.65
CA ASP B 371 29.76 -11.33 4.43
C ASP B 371 30.66 -10.54 3.49
N GLU B 372 31.26 -11.25 2.55
CA GLU B 372 32.21 -10.63 1.62
C GLU B 372 31.52 -9.62 0.70
N LEU B 373 30.20 -9.73 0.60
CA LEU B 373 29.44 -8.75 -0.18
C LEU B 373 29.04 -7.57 0.69
N LYS B 374 28.83 -7.83 1.98
CA LYS B 374 28.41 -6.78 2.89
C LYS B 374 29.54 -5.81 3.17
N LYS B 375 30.77 -6.32 3.14
CA LYS B 375 31.95 -5.49 3.33
C LYS B 375 32.09 -4.47 2.20
N ARG B 376 31.68 -4.87 1.01
CA ARG B 376 31.83 -4.02 -0.17
C ARG B 376 30.53 -3.33 -0.57
N GLY B 377 29.56 -3.35 0.35
CA GLY B 377 28.31 -2.63 0.15
C GLY B 377 27.38 -3.23 -0.88
N ILE B 378 27.29 -4.56 -0.90
CA ILE B 378 26.40 -5.25 -1.84
C ILE B 378 25.51 -6.25 -1.12
N GLY B 379 24.21 -6.17 -1.38
CA GLY B 379 23.25 -7.09 -0.78
C GLY B 379 22.25 -7.60 -1.79
N GLY B 380 21.33 -8.45 -1.33
CA GLY B 380 20.31 -9.01 -2.19
C GLY B 380 20.51 -10.48 -2.47
N ILE B 381 21.58 -11.04 -1.93
CA ILE B 381 21.86 -12.46 -2.09
C ILE B 381 21.61 -13.18 -0.78
N ARG B 382 21.00 -14.36 -0.84
CA ARG B 382 20.70 -15.15 0.35
C ARG B 382 21.97 -15.53 1.10
N ALA B 383 21.93 -15.37 2.42
CA ALA B 383 23.07 -15.70 3.26
C ALA B 383 23.17 -17.22 3.43
N GLY B 384 24.39 -17.75 3.31
CA GLY B 384 24.62 -19.17 3.51
C GLY B 384 24.25 -20.02 2.31
N VAL B 385 24.14 -19.39 1.15
CA VAL B 385 23.85 -20.11 -0.09
C VAL B 385 24.98 -19.92 -1.09
N THR B 386 25.70 -21.01 -1.39
CA THR B 386 26.87 -20.92 -2.25
C THR B 386 26.79 -21.83 -3.47
N LYS B 387 25.90 -22.81 -3.44
CA LYS B 387 25.75 -23.74 -4.56
C LYS B 387 25.23 -23.02 -5.80
N GLU B 388 24.54 -21.91 -5.58
CA GLU B 388 23.99 -21.11 -6.67
C GLU B 388 23.60 -19.73 -6.14
N ILE B 389 23.63 -18.73 -7.02
CA ILE B 389 23.17 -17.40 -6.64
C ILE B 389 22.12 -16.89 -7.63
N LYS B 390 21.30 -15.95 -7.17
CA LYS B 390 20.25 -15.38 -8.01
C LYS B 390 20.25 -13.87 -7.87
N MET B 391 20.52 -13.17 -8.98
CA MET B 391 20.73 -11.73 -8.94
C MET B 391 20.20 -11.01 -10.18
N SER B 392 20.07 -9.69 -10.07
CA SER B 392 19.66 -8.85 -11.18
C SER B 392 20.26 -7.46 -11.03
N VAL B 393 20.74 -6.88 -12.13
CA VAL B 393 21.34 -5.56 -12.11
C VAL B 393 20.46 -4.53 -12.81
N TYR B 394 19.20 -4.87 -13.01
CA TYR B 394 18.26 -3.99 -13.69
C TYR B 394 18.16 -2.63 -12.99
N GLY B 395 18.18 -1.57 -13.78
CA GLY B 395 18.02 -0.22 -13.24
C GLY B 395 19.29 0.38 -12.70
N LEU B 396 20.30 -0.45 -12.45
CA LEU B 396 21.57 0.03 -11.92
C LEU B 396 22.31 0.85 -12.97
N GLU B 397 23.10 1.82 -12.50
CA GLU B 397 23.97 2.58 -13.38
C GLU B 397 25.09 1.65 -13.85
N TRP B 398 25.61 1.90 -15.05
CA TRP B 398 26.66 1.07 -15.63
C TRP B 398 27.90 1.02 -14.73
N GLU B 399 28.18 2.13 -14.06
CA GLU B 399 29.27 2.21 -13.10
C GLU B 399 29.01 1.24 -11.95
N GLN B 400 27.75 1.16 -11.52
CA GLN B 400 27.36 0.26 -10.45
C GLN B 400 27.47 -1.21 -10.88
N VAL B 401 27.11 -1.49 -12.13
CA VAL B 401 27.24 -2.83 -12.69
C VAL B 401 28.70 -3.24 -12.70
N GLU B 402 29.56 -2.34 -13.16
CA GLU B 402 31.01 -2.55 -13.12
C GLU B 402 31.47 -2.85 -11.70
N TYR B 403 30.99 -2.05 -10.75
CA TYR B 403 31.34 -2.22 -9.35
C TYR B 403 30.96 -3.61 -8.85
N VAL B 404 29.77 -4.06 -9.19
CA VAL B 404 29.29 -5.38 -8.77
C VAL B 404 30.13 -6.50 -9.34
N VAL B 405 30.32 -6.48 -10.66
CA VAL B 405 31.11 -7.51 -11.34
C VAL B 405 32.53 -7.59 -10.79
N ASN B 406 33.20 -6.44 -10.75
CA ASN B 406 34.57 -6.37 -10.23
C ASN B 406 34.66 -6.81 -8.77
N ALA B 407 33.67 -6.43 -7.98
CA ALA B 407 33.61 -6.83 -6.58
C ALA B 407 33.56 -8.35 -6.45
N ILE B 408 32.65 -8.98 -7.18
CA ILE B 408 32.52 -10.44 -7.15
C ILE B 408 33.80 -11.12 -7.61
N LYS B 409 34.38 -10.61 -8.71
CA LYS B 409 35.66 -11.10 -9.20
C LYS B 409 36.71 -11.09 -8.10
N GLU B 410 36.77 -9.98 -7.38
CA GLU B 410 37.72 -9.82 -6.29
C GLU B 410 37.41 -10.76 -5.12
N ILE B 411 36.13 -11.04 -4.91
CA ILE B 411 35.72 -11.97 -3.86
C ILE B 411 36.27 -13.35 -4.14
N VAL B 412 36.03 -13.84 -5.36
CA VAL B 412 36.52 -15.14 -5.75
C VAL B 412 38.05 -15.19 -5.76
N GLU B 413 38.67 -14.14 -6.29
CA GLU B 413 40.13 -14.10 -6.42
C GLU B 413 40.86 -14.08 -5.08
N SER B 414 40.35 -13.28 -4.14
CA SER B 414 41.02 -13.09 -2.86
C SER B 414 40.79 -14.24 -1.88
N CYS B 415 39.62 -14.87 -1.96
CA CYS B 415 39.28 -15.97 -1.06
C CYS B 415 39.76 -17.31 -1.59
N LYS B 416 40.57 -17.28 -2.65
CA LYS B 416 41.18 -18.47 -3.23
C LYS B 416 40.14 -19.53 -3.61
N ILE C 37 29.32 32.27 -2.89
CA ILE C 37 28.88 30.88 -2.78
C ILE C 37 28.20 30.41 -4.06
N SER C 38 28.91 29.60 -4.83
CA SER C 38 28.40 29.07 -6.09
C SER C 38 28.61 27.56 -6.18
N TYR C 39 27.66 26.87 -6.80
CA TYR C 39 27.74 25.42 -6.94
C TYR C 39 28.82 25.03 -7.94
N LYS C 40 29.17 25.95 -8.83
CA LYS C 40 30.19 25.70 -9.85
C LYS C 40 31.57 25.47 -9.24
N ASP C 41 31.74 25.93 -8.01
CA ASP C 41 33.02 25.78 -7.31
C ASP C 41 33.13 24.44 -6.62
N ALA C 42 32.15 23.57 -6.84
CA ALA C 42 32.10 22.26 -6.18
C ALA C 42 33.24 21.35 -6.64
N LYS C 43 34.05 20.90 -5.70
CA LYS C 43 35.13 19.96 -5.97
C LYS C 43 34.71 18.57 -5.55
N PRO C 44 35.20 17.53 -6.25
CA PRO C 44 34.85 16.13 -5.98
C PRO C 44 34.99 15.75 -4.52
N GLY C 45 33.99 15.02 -4.00
CA GLY C 45 34.00 14.61 -2.61
C GLY C 45 33.04 13.46 -2.35
N LYS C 46 32.82 13.17 -1.07
CA LYS C 46 31.94 12.07 -0.68
C LYS C 46 30.68 12.58 0.02
N ILE C 47 29.54 12.02 -0.34
CA ILE C 47 28.28 12.36 0.31
C ILE C 47 28.18 11.70 1.68
N ASP C 48 28.14 12.49 2.72
CA ASP C 48 27.91 11.97 4.07
C ASP C 48 26.45 11.56 4.17
N VAL C 49 26.20 10.26 4.09
CA VAL C 49 24.83 9.72 4.08
C VAL C 49 24.10 9.99 5.39
N ASN C 50 24.82 9.84 6.50
CA ASN C 50 24.24 10.06 7.82
C ASN C 50 23.73 11.49 7.99
N GLU C 51 24.55 12.46 7.59
CA GLU C 51 24.20 13.88 7.70
C GLU C 51 22.98 14.20 6.84
N PHE C 52 22.96 13.63 5.63
CA PHE C 52 21.84 13.82 4.72
C PHE C 52 20.56 13.28 5.31
N LYS C 53 20.63 12.07 5.85
CA LYS C 53 19.48 11.43 6.46
C LYS C 53 18.99 12.26 7.65
N LYS C 54 19.93 12.85 8.39
CA LYS C 54 19.57 13.72 9.50
C LYS C 54 18.82 14.96 9.04
N ALA C 55 19.32 15.60 7.99
CA ALA C 55 18.66 16.77 7.42
C ALA C 55 17.25 16.44 6.96
N ILE C 56 17.13 15.32 6.23
CA ILE C 56 15.83 14.84 5.77
C ILE C 56 14.87 14.63 6.94
N TYR C 57 15.36 13.96 7.99
CA TYR C 57 14.55 13.70 9.18
C TYR C 57 14.08 15.00 9.82
N LEU C 58 14.95 16.00 9.84
CA LEU C 58 14.60 17.30 10.39
C LEU C 58 13.51 17.99 9.57
N LEU C 59 13.62 17.95 8.24
CA LEU C 59 12.58 18.52 7.40
C LEU C 59 11.25 17.78 7.53
N ILE C 60 11.33 16.46 7.75
CA ILE C 60 10.15 15.65 7.98
C ILE C 60 9.46 16.03 9.28
N GLU C 61 10.27 16.28 10.31
CA GLU C 61 9.72 16.74 11.60
C GLU C 61 9.08 18.12 11.45
N ALA C 62 9.74 18.98 10.68
CA ALA C 62 9.22 20.33 10.45
C ALA C 62 7.95 20.29 9.61
N ASP C 63 7.76 19.21 8.86
CA ASP C 63 6.58 19.04 8.03
C ASP C 63 5.31 18.90 8.89
N ASP C 64 5.50 18.54 10.14
CA ASP C 64 4.38 18.41 11.09
C ASP C 64 3.67 19.74 11.29
N PHE C 65 4.44 20.82 11.31
CA PHE C 65 3.89 22.16 11.51
C PHE C 65 2.95 22.56 10.38
N LEU C 66 3.20 22.02 9.19
CA LEU C 66 2.33 22.26 8.05
C LEU C 66 0.95 21.67 8.28
N TYR C 67 0.90 20.63 9.11
CA TYR C 67 -0.36 19.94 9.41
C TYR C 67 -1.05 20.51 10.64
N LYS C 68 -0.33 20.58 11.76
CA LYS C 68 -0.95 20.97 13.03
C LYS C 68 -1.23 22.47 13.14
N LYS C 69 -0.84 23.23 12.13
CA LYS C 69 -1.06 24.68 12.15
C LYS C 69 -1.74 25.17 10.87
N ALA C 70 -2.35 24.24 10.13
CA ALA C 70 -3.10 24.58 8.92
C ALA C 70 -4.44 25.19 9.32
N PRO C 71 -5.05 26.00 8.43
CA PRO C 71 -4.59 26.40 7.09
C PRO C 71 -3.87 27.74 7.08
N LYS C 72 -3.76 28.39 8.23
CA LYS C 72 -3.17 29.72 8.30
C LYS C 72 -1.65 29.69 8.42
N HIS C 73 -1.13 28.63 9.04
CA HIS C 73 0.30 28.42 9.18
C HIS C 73 1.04 29.57 9.85
N GLU C 74 0.32 30.30 10.70
CA GLU C 74 0.92 31.39 11.47
C GLU C 74 1.38 30.83 12.82
N LEU C 75 2.64 31.11 13.16
CA LEU C 75 3.21 30.59 14.39
C LEU C 75 3.37 31.70 15.43
N ASN C 76 3.21 31.35 16.71
CA ASN C 76 3.53 32.28 17.78
C ASN C 76 5.03 32.24 18.04
N GLU C 77 5.48 32.92 19.09
CA GLU C 77 6.91 33.03 19.37
C GLU C 77 7.55 31.67 19.67
N GLU C 78 6.95 30.91 20.59
CA GLU C 78 7.48 29.61 20.98
C GLU C 78 7.46 28.61 19.83
N GLU C 79 6.34 28.58 19.11
CA GLU C 79 6.21 27.74 17.93
C GLU C 79 7.28 28.10 16.89
N ALA C 80 7.50 29.40 16.74
CA ALA C 80 8.50 29.91 15.80
C ALA C 80 9.89 29.43 16.19
N LYS C 81 10.20 29.47 17.48
CA LYS C 81 11.48 28.99 17.98
C LYS C 81 11.64 27.49 17.72
N GLU C 82 10.58 26.74 17.99
CA GLU C 82 10.57 25.29 17.83
C GLU C 82 10.78 24.87 16.37
N PHE C 83 10.16 25.62 15.46
CA PHE C 83 10.22 25.34 14.03
C PHE C 83 11.58 25.77 13.44
N CYS C 84 11.97 27.00 13.75
CA CYS C 84 13.24 27.53 13.27
C CYS C 84 14.43 26.75 13.82
N LYS C 85 14.25 26.10 14.96
CA LYS C 85 15.30 25.24 15.50
C LYS C 85 15.55 24.08 14.54
N LEU C 86 14.46 23.44 14.12
CA LEU C 86 14.52 22.34 13.16
C LEU C 86 15.16 22.80 11.86
N ILE C 87 14.68 23.92 11.33
CA ILE C 87 15.20 24.44 10.07
C ILE C 87 16.70 24.76 10.14
N ILE C 88 17.11 25.41 11.23
CA ILE C 88 18.51 25.79 11.41
C ILE C 88 19.42 24.57 11.56
N LYS C 89 18.99 23.59 12.36
CA LYS C 89 19.73 22.33 12.46
C LYS C 89 19.88 21.69 11.09
N CYS C 90 18.79 21.71 10.32
CA CYS C 90 18.81 21.17 8.96
C CYS C 90 19.88 21.85 8.10
N GLN C 91 19.88 23.18 8.10
CA GLN C 91 20.88 23.93 7.33
C GLN C 91 22.31 23.66 7.83
N GLU C 92 22.44 23.39 9.12
CA GLU C 92 23.73 23.03 9.69
C GLU C 92 24.23 21.73 9.08
N HIS C 93 23.35 20.72 9.05
CA HIS C 93 23.69 19.45 8.43
C HIS C 93 24.01 19.61 6.94
N LEU C 94 23.23 20.44 6.26
CA LEU C 94 23.47 20.70 4.85
C LEU C 94 24.83 21.35 4.61
N ASN C 95 25.23 22.23 5.52
CA ASN C 95 26.55 22.84 5.47
C ASN C 95 27.66 21.82 5.70
N LYS C 96 27.41 20.89 6.62
CA LYS C 96 28.35 19.79 6.85
C LYS C 96 28.50 18.93 5.60
N ILE C 97 27.40 18.77 4.86
CA ILE C 97 27.42 18.04 3.60
C ILE C 97 28.24 18.79 2.55
N LEU C 98 27.99 20.08 2.43
CA LEU C 98 28.70 20.92 1.47
C LEU C 98 30.19 21.03 1.78
N ALA C 99 30.55 20.83 3.04
CA ALA C 99 31.93 20.90 3.48
C ALA C 99 32.81 19.86 2.78
N ASN C 100 32.22 18.71 2.46
CA ASN C 100 32.95 17.63 1.82
C ASN C 100 33.23 17.88 0.33
N PHE C 101 32.79 19.02 -0.17
CA PHE C 101 32.97 19.34 -1.58
C PHE C 101 33.71 20.67 -1.77
N GLY C 102 34.48 21.07 -0.77
CA GLY C 102 35.32 22.25 -0.87
C GLY C 102 34.63 23.56 -0.57
N PHE C 103 33.78 23.57 0.45
CA PHE C 103 33.12 24.79 0.89
C PHE C 103 33.42 25.06 2.36
N GLU C 104 33.01 26.24 2.84
CA GLU C 104 33.16 26.60 4.24
C GLU C 104 32.26 27.79 4.60
N LYS D 36 26.35 31.90 15.20
CA LYS D 36 25.85 33.27 15.24
C LYS D 36 24.32 33.28 15.24
N ILE D 37 23.74 32.68 14.21
CA ILE D 37 22.28 32.59 14.11
C ILE D 37 21.73 31.63 15.14
N SER D 38 20.82 32.11 15.97
CA SER D 38 20.21 31.30 17.02
C SER D 38 18.70 31.18 16.86
N TYR D 39 18.17 30.01 17.17
CA TYR D 39 16.75 29.75 17.05
C TYR D 39 15.94 30.49 18.11
N LYS D 40 16.61 30.88 19.19
CA LYS D 40 15.97 31.58 20.30
C LYS D 40 15.46 32.96 19.88
N ASP D 41 16.12 33.54 18.88
CA ASP D 41 15.79 34.89 18.43
C ASP D 41 14.62 34.89 17.44
N ALA D 42 13.97 33.74 17.28
CA ALA D 42 12.87 33.60 16.33
C ALA D 42 11.63 34.36 16.77
N LYS D 43 11.13 35.21 15.89
CA LYS D 43 9.91 35.99 16.16
C LYS D 43 8.71 35.32 15.51
N PRO D 44 7.50 35.59 16.05
CA PRO D 44 6.26 35.06 15.47
C PRO D 44 6.11 35.41 13.99
N GLY D 45 5.79 34.43 13.16
CA GLY D 45 5.65 34.64 11.74
C GLY D 45 4.85 33.55 11.05
N LYS D 46 4.80 33.62 9.73
CA LYS D 46 4.05 32.65 8.93
C LYS D 46 5.00 31.75 8.15
N ILE D 47 4.62 30.47 8.02
CA ILE D 47 5.39 29.53 7.22
C ILE D 47 5.04 29.66 5.75
N ASP D 48 6.04 29.91 4.92
CA ASP D 48 5.84 29.93 3.47
C ASP D 48 5.80 28.49 2.97
N VAL D 49 4.60 27.94 2.86
CA VAL D 49 4.41 26.54 2.48
C VAL D 49 5.11 26.17 1.18
N ASN D 50 4.92 27.00 0.15
CA ASN D 50 5.53 26.76 -1.16
C ASN D 50 7.05 26.66 -1.10
N GLU D 51 7.67 27.57 -0.36
CA GLU D 51 9.12 27.57 -0.21
C GLU D 51 9.58 26.29 0.47
N PHE D 52 8.83 25.85 1.48
CA PHE D 52 9.13 24.63 2.22
C PHE D 52 9.08 23.42 1.30
N LYS D 53 7.96 23.24 0.62
CA LYS D 53 7.79 22.10 -0.27
C LYS D 53 8.81 22.11 -1.40
N LYS D 54 9.19 23.31 -1.83
CA LYS D 54 10.27 23.45 -2.79
C LYS D 54 11.56 22.87 -2.22
N ALA D 55 11.92 23.31 -1.02
CA ALA D 55 13.13 22.83 -0.35
C ALA D 55 13.15 21.30 -0.21
N ILE D 56 12.05 20.75 0.31
CA ILE D 56 11.97 19.31 0.53
C ILE D 56 11.98 18.54 -0.79
N TYR D 57 11.49 19.19 -1.86
CA TYR D 57 11.55 18.60 -3.19
C TYR D 57 13.00 18.52 -3.67
N LEU D 58 13.72 19.63 -3.48
CA LEU D 58 15.15 19.67 -3.78
C LEU D 58 15.88 18.55 -3.06
N LEU D 59 15.52 18.36 -1.79
CA LEU D 59 16.12 17.29 -1.00
C LEU D 59 15.75 15.90 -1.54
N ILE D 60 14.52 15.75 -2.01
CA ILE D 60 14.10 14.48 -2.62
C ILE D 60 14.90 14.19 -3.89
N GLU D 61 15.15 15.21 -4.69
CA GLU D 61 15.96 15.06 -5.90
C GLU D 61 17.40 14.70 -5.54
N ALA D 62 17.93 15.34 -4.49
CA ALA D 62 19.29 15.06 -4.05
C ALA D 62 19.40 13.66 -3.43
N ASP D 63 18.28 13.13 -2.97
CA ASP D 63 18.23 11.80 -2.38
C ASP D 63 18.54 10.71 -3.41
N ASP D 64 18.36 11.04 -4.68
CA ASP D 64 18.59 10.09 -5.78
C ASP D 64 20.07 9.67 -5.85
N PHE D 65 20.96 10.59 -5.52
CA PHE D 65 22.39 10.33 -5.57
C PHE D 65 22.81 9.26 -4.56
N LEU D 66 22.06 9.17 -3.47
CA LEU D 66 22.30 8.14 -2.46
C LEU D 66 22.08 6.77 -3.09
N TYR D 67 21.15 6.70 -4.03
CA TYR D 67 20.84 5.46 -4.73
C TYR D 67 21.80 5.18 -5.88
N LYS D 68 21.85 6.09 -6.85
CA LYS D 68 22.58 5.85 -8.09
C LYS D 68 24.10 5.87 -7.93
N LYS D 69 24.57 6.20 -6.74
CA LYS D 69 26.02 6.25 -6.48
C LYS D 69 26.44 5.39 -5.29
N ALA D 70 25.58 4.47 -4.90
CA ALA D 70 25.88 3.54 -3.81
C ALA D 70 26.93 2.53 -4.29
N PRO D 71 27.73 1.98 -3.35
CA PRO D 71 27.75 2.26 -1.91
C PRO D 71 28.85 3.23 -1.50
N LYS D 72 29.73 3.59 -2.43
CA LYS D 72 30.83 4.49 -2.12
C LYS D 72 30.36 5.94 -1.95
N HIS D 73 29.33 6.31 -2.72
CA HIS D 73 28.78 7.67 -2.70
C HIS D 73 29.84 8.73 -2.95
N GLU D 74 30.75 8.44 -3.89
CA GLU D 74 31.81 9.38 -4.25
C GLU D 74 31.51 10.03 -5.60
N LEU D 75 31.46 11.36 -5.60
CA LEU D 75 31.09 12.11 -6.79
C LEU D 75 32.31 12.68 -7.50
N ASN D 76 32.24 12.74 -8.83
CA ASN D 76 33.23 13.46 -9.60
C ASN D 76 32.84 14.93 -9.65
N GLU D 77 33.64 15.74 -10.36
CA GLU D 77 33.42 17.18 -10.40
C GLU D 77 32.03 17.55 -10.91
N GLU D 78 31.60 16.91 -11.99
CA GLU D 78 30.29 17.16 -12.58
C GLU D 78 29.17 16.77 -11.61
N GLU D 79 29.28 15.56 -11.07
CA GLU D 79 28.29 15.06 -10.11
C GLU D 79 28.26 15.91 -8.84
N ALA D 80 29.43 16.35 -8.40
CA ALA D 80 29.54 17.19 -7.22
C ALA D 80 28.85 18.53 -7.45
N LYS D 81 29.06 19.12 -8.62
CA LYS D 81 28.40 20.36 -9.00
C LYS D 81 26.88 20.18 -9.01
N GLU D 82 26.44 19.11 -9.68
CA GLU D 82 25.01 18.83 -9.83
C GLU D 82 24.31 18.61 -8.49
N PHE D 83 25.01 17.96 -7.57
CA PHE D 83 24.47 17.66 -6.24
C PHE D 83 24.44 18.90 -5.35
N CYS D 84 25.58 19.57 -5.29
CA CYS D 84 25.72 20.78 -4.48
C CYS D 84 24.78 21.88 -4.96
N LYS D 85 24.39 21.84 -6.23
CA LYS D 85 23.41 22.79 -6.74
C LYS D 85 22.07 22.59 -6.03
N LEU D 86 21.62 21.34 -5.97
CA LEU D 86 20.40 20.98 -5.26
C LEU D 86 20.49 21.39 -3.79
N ILE D 87 21.57 21.00 -3.13
CA ILE D 87 21.75 21.34 -1.72
C ILE D 87 21.68 22.85 -1.46
N ILE D 88 22.42 23.62 -2.27
CA ILE D 88 22.48 25.07 -2.13
C ILE D 88 21.12 25.72 -2.37
N LYS D 89 20.42 25.29 -3.42
CA LYS D 89 19.08 25.80 -3.69
C LYS D 89 18.16 25.55 -2.50
N CYS D 90 18.23 24.33 -1.96
CA CYS D 90 17.47 23.98 -0.76
C CYS D 90 17.77 24.95 0.38
N GLN D 91 19.05 25.24 0.60
CA GLN D 91 19.45 26.18 1.64
C GLN D 91 18.90 27.59 1.39
N GLU D 92 18.85 27.99 0.13
CA GLU D 92 18.28 29.28 -0.23
C GLU D 92 16.81 29.34 0.15
N HIS D 93 16.08 28.28 -0.17
CA HIS D 93 14.67 28.20 0.20
C HIS D 93 14.47 28.24 1.72
N LEU D 94 15.28 27.48 2.43
CA LEU D 94 15.22 27.44 3.89
C LEU D 94 15.49 28.83 4.48
N ASN D 95 16.42 29.56 3.86
CA ASN D 95 16.71 30.93 4.28
C ASN D 95 15.54 31.85 4.02
N LYS D 96 14.86 31.65 2.89
CA LYS D 96 13.65 32.42 2.59
C LYS D 96 12.57 32.15 3.62
N ILE D 97 12.51 30.91 4.11
CA ILE D 97 11.56 30.55 5.16
C ILE D 97 11.91 31.24 6.47
N LEU D 98 13.19 31.19 6.83
CA LEU D 98 13.66 31.81 8.07
C LEU D 98 13.49 33.33 8.03
N ALA D 99 13.45 33.89 6.83
CA ALA D 99 13.31 35.33 6.65
C ALA D 99 12.03 35.88 7.28
N ASN D 100 10.97 35.07 7.26
CA ASN D 100 9.68 35.49 7.80
C ASN D 100 9.63 35.45 9.33
N PHE D 101 10.71 34.99 9.95
CA PHE D 101 10.76 34.89 11.41
C PHE D 101 11.82 35.83 12.00
N GLY D 102 12.11 36.92 11.31
CA GLY D 102 13.03 37.92 11.80
C GLY D 102 14.50 37.58 11.60
N PHE D 103 14.78 36.71 10.63
CA PHE D 103 16.14 36.33 10.31
C PHE D 103 16.58 36.95 8.98
N GLU D 104 17.50 37.89 9.04
CA GLU D 104 18.00 38.56 7.84
C GLU D 104 19.24 37.89 7.28
N PHE D 105 19.46 38.04 5.97
CA PHE D 105 20.61 37.46 5.30
C PHE D 105 21.17 38.42 4.25
#